data_8ZPW
#
_entry.id   8ZPW
#
_cell.length_a   1.00
_cell.length_b   1.00
_cell.length_c   1.00
_cell.angle_alpha   90.00
_cell.angle_beta   90.00
_cell.angle_gamma   90.00
#
_symmetry.space_group_name_H-M   'P 1'
#
loop_
_entity.id
_entity.type
_entity.pdbx_description
1 polymer 'ER degradation-enhancing alpha-mannosidase-like protein 1'
2 polymer 'Protein disulfide-isomerase'
3 non-polymer 2-acetamido-2-deoxy-beta-D-glucopyranose
4 non-polymer 'CALCIUM ION'
#
loop_
_entity_poly.entity_id
_entity_poly.type
_entity_poly.pdbx_seq_one_letter_code
_entity_poly.pdbx_strand_id
1 'polypeptide(L)'
;MVCCLWVLLALLLHLDHVACEDDAYSFTSKELKAYKQEVKELFYFGFDNYLEHGYPYDEVKPISCVPKKRNFEDPTDQGT
NDILGNFTITLIDSLTTIAILEDRPQFLKAVRLVERTFPDGNFDIDSTIQVFEITIRVIGSLLSSHLYATDPTKAVYLGD
DYDGSLLRLAQNMADRLLPAYLTSTGLPMPRRNIKRKWDVSEFPEFLETENNVAAMASPMFEFTILSYLTGDPKYEKVTR
YAFDKTWSLRTGLDLLPMSFHPEKLTPYTPMTGIGASIDSLFEYALKGAILFDDSELMEVWNVAYEALKTNCKNDWFFAN
VMADTGHLFVPWIDSLSAFFSGLQVLAGDLDDAIANHLMFLKMWNTFGGIPERWNFSPPEFPPLSPLERSGAVALDNILP
LEWYPLRPEFFESTYFLYRATKDPFYLNIGVHLLKDLKQRFKSNCGFAGFQNVITGELQDRMETFVLSETLKYLYLLFDE
ENELHNSASDVIFSTEAHPMWLPQEVRSNYKRNAKFNNSVYSSHLEICQKKDREQAGENTLSQRIVGFAKSIFHKGPPDE
EATDPIIDYTIDTELPGTCSIKPHHVIGDEFWYSPMLSNFDRLFEIDSRFAATLIKPSHMHNYNAIELEPGFYNRWSNPQ
FSTCLIPPTTEIFELLFDLPGYHQLNPLMLENKTITFETFGGRSRLKIEKLQIYQIDYYGDLITASTFQDVSRKDIFSNA
CDAVASLYSPTYLYRVVAINGRILPRHGSVQIKKHSPVLTSNGTREEDEFKMDGIGINDHSQLMLECTPIINLFIV
;
A
2 'polypeptide(L)'
;MKFSAGAVLSWSSLLLASSVFAQQEAVAPEDSAVVKLATDSFNEYIQSHDLVLAEFFAPWCGHCKNMAPEYVKAAETLVE
KNITLAQIDCTENQDLCMEHNIPGFPSLKIFKNSDVNNSIDYEGPRTAEAIVQFMIKQSQPAVAVVADLPAYLANETFVT
PVIVQSGKIDADFNATFYSMANKHFNDYDFVSAENADDDFKLSIYLPSAMDEPVVYNGKKADIADADVFEKWLQVEALPY
FGEIDGSVFAQYVESGLPLGYLFYNDEEELEEYKPLFTELAKKNRGLMNFVSIDARKFGRHAGNLNMKEQFPLFAIHDMT
EDLKYGLPQLSEEAFDELSDKIVLESKAIESLVKDFLKGDASPIVKSQEIFENQDSSVFQLVGKNHDEIVNDPKKDVLVL
YYAPWCGHCKRLAPTYQELADTYANATSDVLIAKLDHTENDVRGVVIEGYPTIVLYPGGKKSESVVYQGSRSLDSLFDFI
KENGHFDVDGKALYEEAQEKAAEEADADAELADEEDAIHDEL
;
B
#
# COMPACT_ATOMS: atom_id res chain seq x y z
N ASP A 23 -10.17 -5.46 -21.13
CA ASP A 23 -10.32 -5.51 -19.65
C ASP A 23 -8.98 -5.78 -18.97
N ALA A 24 -7.90 -5.63 -19.72
CA ALA A 24 -6.57 -5.88 -19.17
C ALA A 24 -6.25 -4.84 -18.11
N TYR A 25 -5.71 -5.30 -16.98
CA TYR A 25 -5.31 -4.47 -15.85
C TYR A 25 -6.48 -3.71 -15.25
N SER A 26 -7.71 -4.13 -15.54
CA SER A 26 -8.87 -3.54 -14.88
C SER A 26 -9.03 -4.05 -13.46
N PHE A 27 -8.55 -5.27 -13.19
CA PHE A 27 -8.53 -5.84 -11.85
C PHE A 27 -9.92 -6.03 -11.26
N THR A 28 -10.90 -6.37 -12.09
CA THR A 28 -12.20 -6.73 -11.56
C THR A 28 -12.09 -8.04 -10.78
N SER A 29 -13.19 -8.43 -10.14
CA SER A 29 -13.21 -9.69 -9.41
C SER A 29 -13.00 -10.87 -10.34
N LYS A 30 -13.60 -10.82 -11.54
CA LYS A 30 -13.48 -11.92 -12.48
C LYS A 30 -12.05 -12.07 -12.98
N GLU A 31 -11.40 -10.96 -13.32
CA GLU A 31 -10.02 -11.03 -13.78
C GLU A 31 -9.08 -11.47 -12.67
N LEU A 32 -9.35 -11.03 -11.43
CA LEU A 32 -8.57 -11.51 -10.30
C LEU A 32 -8.77 -12.99 -10.08
N LYS A 33 -9.98 -13.50 -10.28
CA LYS A 33 -10.20 -14.94 -10.21
C LYS A 33 -9.40 -15.66 -11.28
N ALA A 34 -9.34 -15.09 -12.49
CA ALA A 34 -8.53 -15.70 -13.54
C ALA A 34 -7.06 -15.77 -13.14
N TYR A 35 -6.51 -14.67 -12.62
CA TYR A 35 -5.11 -14.69 -12.19
C TYR A 35 -4.90 -15.69 -11.05
N LYS A 36 -5.85 -15.76 -10.12
CA LYS A 36 -5.75 -16.72 -9.03
C LYS A 36 -5.73 -18.14 -9.55
N GLN A 37 -6.56 -18.44 -10.55
CA GLN A 37 -6.55 -19.76 -11.17
C GLN A 37 -5.22 -20.03 -11.85
N GLU A 38 -4.65 -19.02 -12.51
CA GLU A 38 -3.35 -19.20 -13.14
C GLU A 38 -2.27 -19.54 -12.11
N VAL A 39 -2.27 -18.83 -10.97
CA VAL A 39 -1.28 -19.11 -9.93
C VAL A 39 -1.51 -20.50 -9.35
N LYS A 40 -2.78 -20.88 -9.17
CA LYS A 40 -3.08 -22.23 -8.69
C LYS A 40 -2.55 -23.28 -9.65
N GLU A 41 -2.73 -23.07 -10.95
CA GLU A 41 -2.23 -24.02 -11.94
C GLU A 41 -0.71 -24.07 -11.92
N LEU A 42 -0.06 -22.93 -11.72
CA LEU A 42 1.40 -22.91 -11.65
C LEU A 42 1.88 -23.72 -10.44
N PHE A 43 1.24 -23.53 -9.29
CA PHE A 43 1.64 -24.27 -8.11
C PHE A 43 1.41 -25.77 -8.31
N TYR A 44 0.28 -26.14 -8.93
CA TYR A 44 0.03 -27.55 -9.16
C TYR A 44 1.03 -28.13 -10.16
N PHE A 45 1.41 -27.35 -11.18
CA PHE A 45 2.46 -27.78 -12.09
C PHE A 45 3.73 -28.12 -11.32
N GLY A 46 4.19 -27.18 -10.48
CA GLY A 46 5.41 -27.43 -9.73
C GLY A 46 5.30 -28.61 -8.78
N PHE A 47 4.18 -28.69 -8.07
CA PHE A 47 3.99 -29.74 -7.07
C PHE A 47 3.89 -31.11 -7.71
N ASP A 48 3.13 -31.21 -8.81
CA ASP A 48 2.99 -32.48 -9.50
C ASP A 48 4.31 -32.90 -10.13
N ASN A 49 5.08 -31.95 -10.65
CA ASN A 49 6.41 -32.30 -11.16
C ASN A 49 7.30 -32.82 -10.05
N TYR A 50 7.25 -32.18 -8.88
CA TYR A 50 8.02 -32.69 -7.74
C TYR A 50 7.58 -34.10 -7.37
N LEU A 51 6.27 -34.32 -7.30
CA LEU A 51 5.77 -35.64 -6.92
C LEU A 51 6.19 -36.70 -7.93
N GLU A 52 6.18 -36.35 -9.21
CA GLU A 52 6.51 -37.33 -10.25
C GLU A 52 8.00 -37.61 -10.31
N HIS A 53 8.86 -36.60 -10.14
CA HIS A 53 10.30 -36.77 -10.34
C HIS A 53 11.08 -36.69 -9.03
N GLY A 54 10.97 -35.60 -8.29
CA GLY A 54 11.77 -35.44 -7.08
C GLY A 54 11.37 -36.41 -5.98
N TYR A 55 10.08 -36.66 -5.82
CA TYR A 55 9.63 -37.58 -4.79
C TYR A 55 10.27 -38.95 -5.02
N PRO A 56 10.74 -39.63 -3.97
CA PRO A 56 10.67 -39.28 -2.54
C PRO A 56 11.84 -38.43 -2.06
N TYR A 57 12.53 -37.72 -2.95
CA TYR A 57 13.66 -36.90 -2.52
C TYR A 57 13.22 -35.47 -2.27
N ASP A 58 14.13 -34.68 -1.70
CA ASP A 58 13.74 -33.40 -1.10
C ASP A 58 13.17 -32.44 -2.15
N GLU A 59 13.90 -32.21 -3.24
CA GLU A 59 13.42 -31.32 -4.29
C GLU A 59 13.74 -31.93 -5.65
N VAL A 60 13.10 -31.35 -6.68
CA VAL A 60 13.29 -31.74 -8.07
C VAL A 60 13.98 -30.59 -8.79
N LYS A 61 15.04 -30.92 -9.51
CA LYS A 61 15.71 -29.90 -10.31
C LYS A 61 14.81 -29.49 -11.47
N PRO A 62 14.50 -28.20 -11.62
CA PRO A 62 13.53 -27.82 -12.66
C PRO A 62 14.07 -27.96 -14.08
N ILE A 63 15.31 -27.51 -14.33
CA ILE A 63 15.84 -27.57 -15.68
C ILE A 63 16.08 -29.01 -16.10
N SER A 64 16.73 -29.79 -15.26
CA SER A 64 17.15 -31.14 -15.62
C SER A 64 16.11 -32.21 -15.36
N CYS A 65 15.01 -31.88 -14.66
CA CYS A 65 13.93 -32.83 -14.42
C CYS A 65 14.42 -34.07 -13.70
N VAL A 66 15.32 -33.89 -12.74
CA VAL A 66 15.82 -35.01 -11.95
C VAL A 66 15.77 -34.63 -10.47
N PRO A 67 15.69 -35.61 -9.56
CA PRO A 67 15.64 -35.27 -8.13
C PRO A 67 16.90 -34.54 -7.69
N LYS A 68 16.74 -33.60 -6.77
CA LYS A 68 17.87 -32.95 -6.11
C LYS A 68 18.05 -33.62 -4.75
N LYS A 69 18.73 -34.76 -4.77
CA LYS A 69 18.93 -35.53 -3.56
C LYS A 69 19.88 -34.81 -2.62
N ARG A 70 19.76 -35.13 -1.33
CA ARG A 70 20.72 -34.63 -0.36
C ARG A 70 22.12 -35.11 -0.73
N ASN A 71 23.10 -34.23 -0.55
CA ASN A 71 24.48 -34.54 -0.90
C ASN A 71 25.07 -35.43 0.19
N PHE A 72 24.72 -36.72 0.11
CA PHE A 72 25.20 -37.67 1.12
C PHE A 72 26.70 -37.80 1.10
N GLU A 73 27.30 -37.80 -0.10
CA GLU A 73 28.71 -38.15 -0.24
C GLU A 73 29.60 -37.11 0.44
N ASP A 74 29.29 -35.82 0.28
CA ASP A 74 30.15 -34.73 0.74
C ASP A 74 29.51 -34.10 1.97
N PRO A 75 29.87 -34.54 3.19
CA PRO A 75 29.34 -33.86 4.39
C PRO A 75 29.71 -32.39 4.45
N THR A 76 30.86 -32.00 3.89
CA THR A 76 31.32 -30.62 4.03
C THR A 76 30.33 -29.63 3.41
N ASP A 77 29.53 -30.07 2.45
CA ASP A 77 28.62 -29.17 1.73
C ASP A 77 27.44 -28.82 2.65
N GLN A 78 27.71 -27.91 3.59
CA GLN A 78 26.65 -27.46 4.49
C GLN A 78 25.63 -26.58 3.78
N GLY A 79 25.99 -25.99 2.65
CA GLY A 79 25.02 -25.17 1.92
C GLY A 79 23.83 -25.97 1.45
N THR A 80 24.07 -27.19 0.98
CA THR A 80 23.00 -28.06 0.50
C THR A 80 22.51 -29.00 1.58
N ASN A 81 23.41 -29.53 2.42
CA ASN A 81 23.00 -30.48 3.45
C ASN A 81 22.09 -29.82 4.47
N ASP A 82 22.39 -28.57 4.85
CA ASP A 82 21.60 -27.90 5.88
C ASP A 82 20.12 -27.88 5.52
N ILE A 83 19.80 -27.46 4.29
CA ILE A 83 18.42 -27.38 3.88
C ILE A 83 17.82 -28.77 3.69
N LEU A 84 18.59 -29.68 3.08
CA LEU A 84 18.09 -30.98 2.68
C LEU A 84 18.46 -32.02 3.73
N GLY A 85 17.45 -32.51 4.45
CA GLY A 85 17.60 -33.65 5.34
C GLY A 85 17.07 -34.94 4.78
N ASN A 86 16.58 -34.94 3.54
CA ASN A 86 16.06 -36.14 2.89
C ASN A 86 14.77 -36.64 3.56
N PHE A 87 13.84 -35.72 3.82
CA PHE A 87 12.53 -36.06 4.35
C PHE A 87 11.43 -35.35 3.57
N THR A 88 11.53 -35.37 2.24
CA THR A 88 10.49 -34.83 1.36
C THR A 88 10.09 -33.42 1.80
N ILE A 89 11.09 -32.58 2.04
CA ILE A 89 10.83 -31.26 2.60
C ILE A 89 9.91 -30.45 1.69
N THR A 90 9.99 -30.67 0.37
CA THR A 90 9.11 -29.94 -0.54
C THR A 90 7.66 -30.27 -0.29
N LEU A 91 7.34 -31.56 -0.11
CA LEU A 91 5.95 -31.96 0.15
C LEU A 91 5.45 -31.37 1.46
N ILE A 92 6.27 -31.45 2.52
CA ILE A 92 5.87 -30.93 3.81
C ILE A 92 5.61 -29.43 3.72
N ASP A 93 6.51 -28.71 3.07
CA ASP A 93 6.33 -27.27 2.93
C ASP A 93 5.09 -26.95 2.11
N SER A 94 4.85 -27.71 1.03
CA SER A 94 3.68 -27.46 0.19
C SER A 94 2.37 -27.85 0.86
N LEU A 95 2.42 -28.59 1.97
CA LEU A 95 1.20 -28.89 2.71
C LEU A 95 0.41 -27.62 2.99
N THR A 96 1.07 -26.60 3.55
CA THR A 96 0.36 -25.38 3.92
C THR A 96 -0.15 -24.64 2.70
N THR A 97 0.62 -24.65 1.61
CA THR A 97 0.15 -24.02 0.38
C THR A 97 -1.12 -24.69 -0.12
N ILE A 98 -1.15 -26.02 -0.07
CA ILE A 98 -2.36 -26.75 -0.47
C ILE A 98 -3.51 -26.39 0.46
N ALA A 99 -3.23 -26.28 1.76
CA ALA A 99 -4.28 -25.92 2.70
C ALA A 99 -4.87 -24.55 2.39
N ILE A 100 -4.02 -23.59 2.05
CA ILE A 100 -4.51 -22.26 1.71
C ILE A 100 -5.31 -22.30 0.40
N LEU A 101 -4.98 -23.21 -0.51
CA LEU A 101 -5.75 -23.34 -1.74
C LEU A 101 -7.17 -23.81 -1.48
N GLU A 102 -7.47 -24.29 -0.28
CA GLU A 102 -8.82 -24.71 0.10
C GLU A 102 -9.29 -25.89 -0.75
N ASP A 103 -8.37 -26.76 -1.14
CA ASP A 103 -8.68 -27.98 -1.88
C ASP A 103 -8.56 -29.15 -0.91
N ARG A 104 -9.69 -29.58 -0.37
CA ARG A 104 -9.67 -30.66 0.62
C ARG A 104 -9.11 -31.96 0.05
N PRO A 105 -9.52 -32.42 -1.14
CA PRO A 105 -8.97 -33.69 -1.63
C PRO A 105 -7.46 -33.67 -1.76
N GLN A 106 -6.90 -32.60 -2.32
CA GLN A 106 -5.45 -32.52 -2.50
C GLN A 106 -4.73 -32.49 -1.16
N PHE A 107 -5.27 -31.74 -0.19
CA PHE A 107 -4.64 -31.69 1.12
C PHE A 107 -4.69 -33.04 1.81
N LEU A 108 -5.83 -33.74 1.71
CA LEU A 108 -5.93 -35.07 2.31
C LEU A 108 -4.94 -36.02 1.66
N LYS A 109 -4.82 -35.97 0.33
CA LYS A 109 -3.87 -36.82 -0.37
C LYS A 109 -2.44 -36.52 0.07
N ALA A 110 -2.10 -35.24 0.20
CA ALA A 110 -0.75 -34.88 0.64
C ALA A 110 -0.49 -35.33 2.06
N VAL A 111 -1.47 -35.19 2.95
CA VAL A 111 -1.30 -35.64 4.33
C VAL A 111 -1.11 -37.15 4.37
N ARG A 112 -1.89 -37.89 3.58
CA ARG A 112 -1.73 -39.34 3.52
C ARG A 112 -0.35 -39.71 2.97
N LEU A 113 0.12 -38.98 1.97
CA LEU A 113 1.46 -39.24 1.44
C LEU A 113 2.53 -38.98 2.49
N VAL A 114 2.36 -37.92 3.28
CA VAL A 114 3.31 -37.65 4.35
C VAL A 114 3.30 -38.77 5.39
N GLU A 115 2.09 -39.24 5.75
CA GLU A 115 2.00 -40.35 6.67
C GLU A 115 2.69 -41.59 6.12
N ARG A 116 2.47 -41.87 4.84
CA ARG A 116 3.10 -43.04 4.22
C ARG A 116 4.62 -42.90 4.22
N THR A 117 5.14 -41.71 3.94
CA THR A 117 6.57 -41.51 3.94
C THR A 117 7.16 -41.66 5.33
N PHE A 118 6.37 -41.40 6.37
CA PHE A 118 6.81 -41.54 7.76
C PHE A 118 5.76 -42.34 8.53
N PRO A 119 5.60 -43.61 8.20
CA PRO A 119 4.52 -44.40 8.84
C PRO A 119 4.71 -44.53 10.34
N ASP A 120 5.95 -44.64 10.81
CA ASP A 120 6.21 -44.76 12.24
C ASP A 120 5.96 -43.45 12.98
N GLY A 121 5.76 -42.35 12.28
CA GLY A 121 5.52 -41.07 12.93
C GLY A 121 6.74 -40.41 13.50
N ASN A 122 7.93 -40.75 13.01
CA ASN A 122 9.16 -40.14 13.51
C ASN A 122 10.11 -39.90 12.34
N PHE A 123 10.95 -38.88 12.48
CA PHE A 123 11.96 -38.55 11.49
C PHE A 123 13.29 -39.19 11.86
N ASP A 124 13.36 -40.50 11.63
CA ASP A 124 14.56 -41.28 11.91
C ASP A 124 15.45 -41.29 10.66
N ILE A 125 16.02 -40.12 10.37
CA ILE A 125 16.85 -39.90 9.19
C ILE A 125 18.21 -39.41 9.65
N ASP A 126 19.27 -40.05 9.19
CA ASP A 126 20.64 -39.66 9.53
C ASP A 126 21.02 -38.47 8.64
N SER A 127 20.77 -37.28 9.18
CA SER A 127 21.05 -36.04 8.47
C SER A 127 21.50 -34.98 9.46
N THR A 128 22.61 -34.32 9.15
CA THR A 128 23.05 -33.13 9.89
C THR A 128 22.41 -31.92 9.23
N ILE A 129 21.53 -31.25 9.96
CA ILE A 129 20.64 -30.24 9.40
C ILE A 129 20.66 -29.00 10.27
N GLN A 130 20.26 -27.88 9.67
CA GLN A 130 20.24 -26.60 10.37
C GLN A 130 18.97 -26.48 11.19
N VAL A 131 19.12 -26.17 12.48
CA VAL A 131 17.98 -26.15 13.38
C VAL A 131 16.98 -25.09 12.94
N PHE A 132 17.46 -23.90 12.60
CA PHE A 132 16.55 -22.79 12.30
C PHE A 132 15.72 -23.07 11.05
N GLU A 133 16.39 -23.42 9.94
CA GLU A 133 15.69 -23.62 8.69
C GLU A 133 14.68 -24.76 8.80
N ILE A 134 15.10 -25.87 9.39
CA ILE A 134 14.21 -27.02 9.56
C ILE A 134 13.03 -26.65 10.45
N THR A 135 13.31 -25.95 11.55
CA THR A 135 12.23 -25.52 12.42
C THR A 135 11.20 -24.68 11.65
N ILE A 136 11.67 -23.71 10.88
CA ILE A 136 10.72 -22.82 10.22
C ILE A 136 9.97 -23.56 9.12
N ARG A 137 10.62 -24.53 8.47
CA ARG A 137 9.99 -25.16 7.31
C ARG A 137 9.16 -26.39 7.70
N VAL A 138 9.81 -27.44 8.20
CA VAL A 138 9.08 -28.69 8.42
C VAL A 138 8.15 -28.57 9.63
N ILE A 139 8.67 -28.07 10.76
CA ILE A 139 7.83 -27.96 11.95
C ILE A 139 6.73 -26.94 11.73
N GLY A 140 7.07 -25.80 11.11
CA GLY A 140 6.06 -24.79 10.84
C GLY A 140 4.96 -25.32 9.95
N SER A 141 5.33 -26.00 8.86
CA SER A 141 4.33 -26.53 7.95
C SER A 141 3.49 -27.61 8.63
N LEU A 142 4.12 -28.48 9.40
CA LEU A 142 3.37 -29.54 10.07
C LEU A 142 2.38 -28.95 11.08
N LEU A 143 2.81 -27.96 11.86
CA LEU A 143 1.91 -27.35 12.84
C LEU A 143 0.76 -26.62 12.16
N SER A 144 1.05 -25.85 11.11
CA SER A 144 -0.01 -25.13 10.42
C SER A 144 -0.97 -26.10 9.75
N SER A 145 -0.44 -27.18 9.17
CA SER A 145 -1.30 -28.18 8.54
C SER A 145 -2.17 -28.89 9.57
N HIS A 146 -1.61 -29.18 10.76
CA HIS A 146 -2.43 -29.76 11.82
C HIS A 146 -3.53 -28.82 12.25
N LEU A 147 -3.21 -27.53 12.39
CA LEU A 147 -4.24 -26.55 12.73
C LEU A 147 -5.33 -26.53 11.68
N TYR A 148 -4.94 -26.55 10.40
CA TYR A 148 -5.94 -26.55 9.33
C TYR A 148 -6.79 -27.81 9.37
N ALA A 149 -6.18 -28.95 9.65
CA ALA A 149 -6.90 -30.22 9.64
C ALA A 149 -7.85 -30.34 10.83
N THR A 150 -7.50 -29.72 11.96
CA THR A 150 -8.29 -29.84 13.18
C THR A 150 -9.19 -28.63 13.42
N ASP A 151 -9.30 -27.72 12.46
CA ASP A 151 -10.15 -26.55 12.61
C ASP A 151 -11.40 -26.74 11.78
N PRO A 152 -12.58 -26.96 12.39
CA PRO A 152 -13.78 -27.18 11.57
C PRO A 152 -14.12 -26.02 10.65
N THR A 153 -13.78 -24.78 11.03
CA THR A 153 -14.12 -23.64 10.20
C THR A 153 -13.41 -23.71 8.84
N LYS A 154 -12.14 -24.12 8.84
CA LYS A 154 -11.37 -24.11 7.62
C LYS A 154 -11.97 -25.08 6.59
N ALA A 155 -11.98 -24.65 5.33
CA ALA A 155 -12.54 -25.47 4.25
C ALA A 155 -11.73 -26.72 3.98
N VAL A 156 -10.53 -26.84 4.54
CA VAL A 156 -9.70 -28.02 4.36
C VAL A 156 -9.77 -28.94 5.58
N TYR A 157 -10.84 -28.84 6.35
CA TYR A 157 -10.97 -29.63 7.57
C TYR A 157 -10.99 -31.12 7.24
N LEU A 158 -10.19 -31.90 7.98
CA LEU A 158 -10.11 -33.34 7.77
C LEU A 158 -11.03 -34.10 8.70
N GLY A 159 -11.10 -33.72 9.97
CA GLY A 159 -12.01 -34.39 10.88
C GLY A 159 -11.58 -35.82 11.15
N ASP A 160 -12.49 -36.77 10.87
CA ASP A 160 -12.23 -38.16 11.19
C ASP A 160 -11.01 -38.70 10.44
N ASP A 161 -10.82 -38.27 9.19
CA ASP A 161 -9.69 -38.77 8.40
C ASP A 161 -8.37 -38.47 9.09
N TYR A 162 -8.29 -37.34 9.78
CA TYR A 162 -7.06 -36.96 10.47
C TYR A 162 -7.04 -37.55 11.88
N ASP A 163 -5.84 -37.88 12.34
CA ASP A 163 -5.66 -38.52 13.64
C ASP A 163 -4.48 -37.93 14.42
N GLY A 164 -4.15 -36.66 14.17
CA GLY A 164 -3.02 -36.05 14.86
C GLY A 164 -1.66 -36.47 14.35
N SER A 165 -1.58 -37.13 13.20
CA SER A 165 -0.30 -37.61 12.70
C SER A 165 0.66 -36.44 12.46
N LEU A 166 0.18 -35.35 11.87
CA LEU A 166 1.04 -34.20 11.63
C LEU A 166 1.55 -33.62 12.94
N LEU A 167 0.69 -33.53 13.96
CA LEU A 167 1.13 -33.04 15.26
C LEU A 167 2.21 -33.94 15.84
N ARG A 168 2.02 -35.26 15.74
CA ARG A 168 3.02 -36.17 16.29
C ARG A 168 4.35 -36.06 15.55
N LEU A 169 4.30 -35.92 14.22
CA LEU A 169 5.53 -35.75 13.46
C LEU A 169 6.23 -34.45 13.84
N ALA A 170 5.47 -33.36 13.98
CA ALA A 170 6.08 -32.10 14.39
C ALA A 170 6.69 -32.22 15.78
N GLN A 171 6.00 -32.89 16.70
CA GLN A 171 6.53 -33.06 18.05
C GLN A 171 7.80 -33.90 18.03
N ASN A 172 7.84 -34.94 17.20
CA ASN A 172 9.05 -35.75 17.11
C ASN A 172 10.21 -34.94 16.57
N MET A 173 9.98 -34.14 15.52
CA MET A 173 11.04 -33.31 14.98
C MET A 173 11.51 -32.30 16.00
N ALA A 174 10.57 -31.71 16.76
CA ALA A 174 10.94 -30.76 17.80
C ALA A 174 11.77 -31.43 18.88
N ASP A 175 11.41 -32.65 19.26
CA ASP A 175 12.20 -33.38 20.26
C ASP A 175 13.60 -33.65 19.75
N ARG A 176 13.73 -33.99 18.47
CA ARG A 176 15.04 -34.25 17.89
C ARG A 176 15.87 -32.96 17.81
N LEU A 177 15.22 -31.82 17.56
CA LEU A 177 15.95 -30.57 17.43
C LEU A 177 16.29 -29.93 18.78
N LEU A 178 15.49 -30.18 19.81
CA LEU A 178 15.72 -29.52 21.09
C LEU A 178 17.12 -29.72 21.63
N PRO A 179 17.72 -30.91 21.59
CA PRO A 179 19.08 -31.08 22.12
C PRO A 179 20.06 -30.02 21.66
N ALA A 180 19.74 -29.34 20.54
CA ALA A 180 20.57 -28.23 20.09
C ALA A 180 20.64 -27.11 21.12
N TYR A 181 19.63 -26.96 21.96
CA TYR A 181 19.59 -25.91 22.96
C TYR A 181 20.24 -26.31 24.28
N LEU A 182 20.78 -27.52 24.38
CA LEU A 182 21.46 -27.95 25.59
C LEU A 182 22.89 -27.43 25.62
N THR A 183 23.06 -26.13 25.44
CA THR A 183 24.37 -25.49 25.44
C THR A 183 24.65 -24.85 26.79
N SER A 184 25.88 -24.36 26.95
CA SER A 184 26.26 -23.71 28.19
C SER A 184 25.42 -22.47 28.45
N THR A 185 25.19 -21.67 27.41
CA THR A 185 24.44 -20.42 27.53
C THR A 185 22.97 -20.57 27.16
N GLY A 186 22.54 -21.76 26.75
CA GLY A 186 21.17 -21.97 26.33
C GLY A 186 20.88 -21.56 24.91
N LEU A 187 21.85 -21.02 24.19
CA LEU A 187 21.65 -20.65 22.80
C LEU A 187 21.87 -21.87 21.90
N PRO A 188 21.04 -22.07 20.88
CA PRO A 188 21.12 -23.31 20.10
C PRO A 188 22.41 -23.38 19.28
N MET A 189 22.86 -24.61 19.05
CA MET A 189 23.97 -24.84 18.13
C MET A 189 23.48 -24.68 16.70
N PRO A 190 24.33 -24.17 15.80
CA PRO A 190 23.84 -23.92 14.43
C PRO A 190 23.28 -25.15 13.74
N ARG A 191 23.89 -26.32 13.95
CA ARG A 191 23.50 -27.53 13.27
C ARG A 191 23.43 -28.69 14.25
N ARG A 192 22.62 -29.69 13.90
CA ARG A 192 22.48 -30.89 14.72
C ARG A 192 22.03 -32.04 13.84
N ASN A 193 22.29 -33.25 14.31
CA ASN A 193 21.92 -34.47 13.61
C ASN A 193 20.68 -35.05 14.28
N ILE A 194 19.56 -35.06 13.56
CA ILE A 194 18.28 -35.46 14.16
C ILE A 194 18.34 -36.93 14.57
N LYS A 195 18.91 -37.79 13.74
CA LYS A 195 18.98 -39.20 14.08
C LYS A 195 19.71 -39.41 15.41
N ARG A 196 20.84 -38.74 15.59
CA ARG A 196 21.52 -38.73 16.88
C ARG A 196 21.00 -37.53 17.64
N THR A 209 30.32 -23.36 14.44
CA THR A 209 30.19 -22.80 15.77
C THR A 209 29.37 -21.51 15.74
N GLU A 210 29.61 -20.69 14.72
CA GLU A 210 28.93 -19.40 14.58
C GLU A 210 27.46 -19.66 14.27
N ASN A 211 26.58 -18.92 14.95
CA ASN A 211 25.15 -18.98 14.71
C ASN A 211 24.61 -17.56 14.65
N ASN A 212 23.80 -17.29 13.64
CA ASN A 212 23.21 -15.96 13.51
C ASN A 212 22.07 -15.78 14.51
N VAL A 213 21.80 -14.52 14.84
CA VAL A 213 20.81 -14.21 15.85
C VAL A 213 19.43 -14.72 15.43
N ALA A 214 19.10 -14.57 14.14
CA ALA A 214 17.84 -15.11 13.65
C ALA A 214 17.74 -16.60 13.95
N ALA A 215 18.78 -17.36 13.65
CA ALA A 215 18.75 -18.79 13.94
C ALA A 215 18.63 -19.05 15.43
N MET A 216 19.32 -18.24 16.24
CA MET A 216 19.31 -18.45 17.69
C MET A 216 17.92 -18.24 18.28
N ALA A 217 17.20 -17.22 17.79
CA ALA A 217 15.99 -16.75 18.47
C ALA A 217 14.70 -17.16 17.79
N SER A 218 14.64 -17.11 16.46
CA SER A 218 13.37 -17.31 15.76
C SER A 218 12.66 -18.61 16.10
N PRO A 219 13.32 -19.76 16.22
CA PRO A 219 12.60 -21.02 16.46
C PRO A 219 11.55 -20.92 17.56
N MET A 220 11.73 -19.97 18.48
CA MET A 220 10.84 -19.88 19.63
C MET A 220 9.38 -19.69 19.22
N PHE A 221 9.12 -19.02 18.11
CA PHE A 221 7.74 -18.83 17.68
C PHE A 221 7.08 -20.18 17.40
N GLU A 222 7.70 -20.99 16.56
CA GLU A 222 7.14 -22.30 16.23
C GLU A 222 7.10 -23.20 17.45
N PHE A 223 8.15 -23.17 18.28
CA PHE A 223 8.19 -24.06 19.43
C PHE A 223 7.15 -23.68 20.48
N THR A 224 6.86 -22.38 20.63
CA THR A 224 5.80 -21.96 21.53
C THR A 224 4.44 -22.36 21.00
N ILE A 225 4.23 -22.25 19.69
CA ILE A 225 2.98 -22.76 19.12
C ILE A 225 2.85 -24.25 19.40
N LEU A 226 3.95 -24.99 19.26
CA LEU A 226 3.94 -26.42 19.57
C LEU A 226 3.61 -26.67 21.03
N SER A 227 4.19 -25.88 21.93
CA SER A 227 3.88 -26.03 23.35
C SER A 227 2.39 -25.81 23.61
N TYR A 228 1.82 -24.77 22.99
CA TYR A 228 0.40 -24.52 23.18
C TYR A 228 -0.43 -25.70 22.68
N LEU A 229 -0.10 -26.22 21.50
CA LEU A 229 -0.90 -27.29 20.91
C LEU A 229 -0.79 -28.57 21.73
N THR A 230 0.43 -28.99 22.05
CA THR A 230 0.62 -30.21 22.82
C THR A 230 0.32 -30.02 24.29
N GLY A 231 0.62 -28.84 24.83
CA GLY A 231 0.53 -28.59 26.25
C GLY A 231 1.81 -28.84 27.01
N ASP A 232 2.93 -29.08 26.32
CA ASP A 232 4.21 -29.31 26.97
C ASP A 232 4.96 -27.99 27.08
N PRO A 233 5.23 -27.49 28.29
CA PRO A 233 5.89 -26.18 28.39
C PRO A 233 7.35 -26.18 27.97
N LYS A 234 8.01 -27.33 27.89
CA LYS A 234 9.47 -27.34 27.76
C LYS A 234 9.93 -26.65 26.48
N TYR A 235 9.26 -26.90 25.36
CA TYR A 235 9.64 -26.26 24.11
C TYR A 235 9.62 -24.75 24.26
N GLU A 236 8.50 -24.22 24.73
CA GLU A 236 8.37 -22.77 24.86
C GLU A 236 9.39 -22.23 25.83
N LYS A 237 9.56 -22.88 26.98
CA LYS A 237 10.50 -22.36 27.97
C LYS A 237 11.91 -22.26 27.39
N VAL A 238 12.40 -23.36 26.80
CA VAL A 238 13.78 -23.38 26.32
C VAL A 238 13.96 -22.34 25.21
N THR A 239 13.09 -22.37 24.21
CA THR A 239 13.29 -21.48 23.07
C THR A 239 13.07 -20.02 23.44
N ARG A 240 12.11 -19.74 24.33
CA ARG A 240 11.90 -18.37 24.78
C ARG A 240 13.09 -17.86 25.57
N TYR A 241 13.69 -18.73 26.39
CA TYR A 241 14.91 -18.32 27.09
C TYR A 241 16.02 -18.01 26.11
N ALA A 242 16.16 -18.83 25.06
CA ALA A 242 17.17 -18.54 24.04
C ALA A 242 16.89 -17.21 23.37
N PHE A 243 15.63 -16.94 23.05
CA PHE A 243 15.26 -15.66 22.44
C PHE A 243 15.61 -14.49 23.36
N ASP A 244 15.29 -14.63 24.65
CA ASP A 244 15.58 -13.55 25.60
C ASP A 244 17.07 -13.31 25.71
N LYS A 245 17.87 -14.38 25.75
CA LYS A 245 19.32 -14.21 25.78
C LYS A 245 19.81 -13.50 24.53
N THR A 246 19.32 -13.93 23.37
CA THR A 246 19.73 -13.28 22.12
C THR A 246 19.41 -11.79 22.14
N TRP A 247 18.21 -11.43 22.58
CA TRP A 247 17.86 -10.01 22.67
C TRP A 247 18.76 -9.29 23.65
N SER A 248 19.05 -9.92 24.80
CA SER A 248 19.92 -9.30 25.78
C SER A 248 21.33 -9.08 25.23
N LEU A 249 21.73 -9.84 24.21
CA LEU A 249 23.06 -9.65 23.64
C LEU A 249 23.19 -8.33 22.87
N ARG A 250 22.09 -7.61 22.64
CA ARG A 250 22.17 -6.36 21.91
C ARG A 250 23.11 -5.38 22.60
N THR A 251 23.56 -4.39 21.84
CA THR A 251 24.52 -3.42 22.32
C THR A 251 23.78 -2.22 22.94
N GLY A 252 24.55 -1.20 23.35
CA GLY A 252 23.94 -0.05 23.99
C GLY A 252 22.94 0.67 23.10
N LEU A 253 23.18 0.66 21.80
CA LEU A 253 22.27 1.31 20.86
C LEU A 253 21.00 0.52 20.64
N ASP A 254 20.89 -0.69 21.21
CA ASP A 254 19.76 -1.59 20.99
C ASP A 254 19.74 -2.14 19.57
N LEU A 255 20.93 -2.31 18.98
CA LEU A 255 21.10 -2.98 17.70
C LEU A 255 21.84 -4.28 17.94
N LEU A 256 21.40 -5.35 17.27
CA LEU A 256 21.95 -6.68 17.51
C LEU A 256 22.91 -7.06 16.41
N PRO A 257 24.17 -7.37 16.72
CA PRO A 257 25.05 -7.95 15.69
C PRO A 257 24.46 -9.24 15.13
N MET A 258 24.65 -9.44 13.83
CA MET A 258 23.98 -10.56 13.16
C MET A 258 24.44 -11.91 13.69
N SER A 259 25.74 -12.07 13.89
CA SER A 259 26.32 -13.36 14.25
C SER A 259 26.92 -13.31 15.65
N PHE A 260 26.96 -14.47 16.30
CA PHE A 260 27.47 -14.60 17.65
C PHE A 260 28.04 -16.01 17.82
N HIS A 261 28.85 -16.16 18.86
CA HIS A 261 29.38 -17.47 19.24
C HIS A 261 28.69 -17.91 20.54
N PRO A 262 27.82 -18.91 20.51
CA PRO A 262 27.01 -19.21 21.71
C PRO A 262 27.85 -19.50 22.94
N GLU A 263 28.96 -20.21 22.81
CA GLU A 263 29.76 -20.57 23.96
C GLU A 263 30.51 -19.36 24.52
N LYS A 264 31.13 -18.57 23.64
CA LYS A 264 31.89 -17.41 24.04
C LYS A 264 31.06 -16.13 24.07
N LEU A 265 29.89 -16.12 23.42
CA LEU A 265 29.02 -14.95 23.38
C LEU A 265 29.78 -13.73 22.86
N THR A 266 30.59 -13.94 21.83
CA THR A 266 31.36 -12.87 21.22
C THR A 266 30.86 -12.59 19.81
N PRO A 267 30.54 -11.34 19.47
CA PRO A 267 30.00 -11.07 18.13
C PRO A 267 31.09 -11.15 17.08
N TYR A 268 30.84 -11.93 16.02
CA TYR A 268 31.81 -12.08 14.95
C TYR A 268 31.85 -10.84 14.07
N THR A 269 30.69 -10.25 13.76
CA THR A 269 30.60 -9.10 12.88
C THR A 269 29.82 -8.00 13.58
N PRO A 270 30.35 -6.77 13.66
CA PRO A 270 29.54 -5.67 14.21
C PRO A 270 28.39 -5.28 13.30
N MET A 271 28.37 -5.77 12.06
CA MET A 271 27.29 -5.46 11.13
C MET A 271 25.94 -5.88 11.68
N THR A 272 24.92 -5.06 11.42
CA THR A 272 23.56 -5.37 11.80
C THR A 272 22.62 -4.66 10.84
N GLY A 273 21.36 -5.10 10.86
CA GLY A 273 20.38 -4.55 9.94
C GLY A 273 19.11 -5.36 9.98
N ILE A 274 18.37 -5.31 8.87
CA ILE A 274 17.12 -6.05 8.72
C ILE A 274 17.23 -7.10 7.61
N GLY A 275 18.44 -7.42 7.18
CA GLY A 275 18.66 -8.34 6.08
C GLY A 275 18.66 -9.78 6.54
N ALA A 276 19.38 -10.61 5.78
CA ALA A 276 19.50 -12.01 6.12
C ALA A 276 20.21 -12.18 7.45
N SER A 277 19.89 -13.28 8.13
CA SER A 277 20.51 -13.74 9.38
C SER A 277 20.01 -12.98 10.60
N ILE A 278 19.23 -11.89 10.44
CA ILE A 278 18.70 -11.18 11.60
C ILE A 278 17.22 -10.86 11.40
N ASP A 279 16.73 -11.01 10.17
CA ASP A 279 15.35 -10.61 9.87
C ASP A 279 14.35 -11.35 10.73
N SER A 280 14.48 -12.67 10.81
CA SER A 280 13.47 -13.47 11.48
C SER A 280 13.38 -13.14 12.96
N LEU A 281 14.46 -12.61 13.55
CA LEU A 281 14.42 -12.25 14.95
C LEU A 281 13.38 -11.16 15.20
N PHE A 282 13.46 -10.05 14.47
CA PHE A 282 12.46 -9.00 14.62
C PHE A 282 11.09 -9.49 14.17
N GLU A 283 11.05 -10.21 13.05
CA GLU A 283 9.78 -10.71 12.56
C GLU A 283 9.03 -11.49 13.64
N TYR A 284 9.72 -12.45 14.26
CA TYR A 284 9.08 -13.30 15.24
C TYR A 284 8.95 -12.62 16.59
N ALA A 285 9.78 -11.63 16.92
CA ALA A 285 9.49 -10.84 18.11
C ALA A 285 8.12 -10.19 17.99
N LEU A 286 7.88 -9.48 16.89
CA LEU A 286 6.58 -8.85 16.71
C LEU A 286 5.46 -9.87 16.61
N LYS A 287 5.68 -10.94 15.84
CA LYS A 287 4.60 -11.90 15.60
C LYS A 287 4.27 -12.71 16.85
N GLY A 288 5.29 -13.06 17.65
CA GLY A 288 5.03 -13.72 18.92
C GLY A 288 4.35 -12.80 19.91
N ALA A 289 4.74 -11.52 19.92
CA ALA A 289 4.01 -10.57 20.75
C ALA A 289 2.54 -10.52 20.36
N ILE A 290 2.26 -10.56 19.05
CA ILE A 290 0.88 -10.49 18.60
C ILE A 290 0.13 -11.78 18.93
N LEU A 291 0.75 -12.93 18.70
CA LEU A 291 0.04 -14.20 18.78
C LEU A 291 -0.10 -14.69 20.21
N PHE A 292 0.98 -14.64 20.98
CA PHE A 292 0.97 -15.09 22.36
C PHE A 292 0.49 -14.02 23.33
N ASP A 293 0.15 -12.83 22.83
CA ASP A 293 -0.28 -11.72 23.69
C ASP A 293 0.78 -11.44 24.75
N ASP A 294 2.05 -11.51 24.36
CA ASP A 294 3.16 -11.36 25.28
C ASP A 294 3.60 -9.89 25.30
N SER A 295 3.59 -9.29 26.49
CA SER A 295 4.01 -7.89 26.62
C SER A 295 5.52 -7.75 26.52
N GLU A 296 6.27 -8.73 27.02
CA GLU A 296 7.72 -8.66 26.94
C GLU A 296 8.18 -8.68 25.49
N LEU A 297 7.60 -9.55 24.67
CA LEU A 297 7.95 -9.60 23.26
C LEU A 297 7.59 -8.29 22.57
N MET A 298 6.44 -7.71 22.90
CA MET A 298 6.06 -6.45 22.28
C MET A 298 7.03 -5.34 22.66
N GLU A 299 7.45 -5.30 23.93
CA GLU A 299 8.44 -4.30 24.33
C GLU A 299 9.77 -4.51 23.60
N VAL A 300 10.18 -5.76 23.45
CA VAL A 300 11.40 -6.05 22.69
C VAL A 300 11.27 -5.55 21.27
N TRP A 301 10.12 -5.81 20.64
CA TRP A 301 9.90 -5.33 19.28
C TRP A 301 9.94 -3.81 19.21
N ASN A 302 9.30 -3.14 20.17
CA ASN A 302 9.29 -1.69 20.16
C ASN A 302 10.71 -1.13 20.24
N VAL A 303 11.51 -1.66 21.17
CA VAL A 303 12.86 -1.16 21.34
C VAL A 303 13.69 -1.42 20.09
N ALA A 304 13.63 -2.64 19.56
CA ALA A 304 14.43 -2.98 18.38
C ALA A 304 14.02 -2.14 17.18
N TYR A 305 12.71 -1.96 16.98
CA TYR A 305 12.23 -1.19 15.85
C TYR A 305 12.62 0.28 15.98
N GLU A 306 12.56 0.83 17.19
CA GLU A 306 13.01 2.20 17.36
C GLU A 306 14.49 2.33 17.07
N ALA A 307 15.29 1.35 17.50
CA ALA A 307 16.71 1.39 17.18
C ALA A 307 16.93 1.36 15.67
N LEU A 308 16.21 0.49 14.97
CA LEU A 308 16.34 0.41 13.52
C LEU A 308 15.98 1.73 12.85
N LYS A 309 14.87 2.33 13.27
CA LYS A 309 14.46 3.61 12.67
C LYS A 309 15.49 4.69 12.97
N THR A 310 16.02 4.74 14.19
CA THR A 310 16.97 5.77 14.54
C THR A 310 18.25 5.64 13.72
N ASN A 311 18.85 4.45 13.69
CA ASN A 311 20.17 4.27 13.11
C ASN A 311 20.13 3.77 11.67
N CYS A 312 19.49 2.63 11.45
CA CYS A 312 19.59 1.96 10.15
C CYS A 312 18.75 2.63 9.07
N LYS A 313 17.57 3.12 9.42
CA LYS A 313 16.61 3.55 8.40
C LYS A 313 17.18 4.68 7.56
N ASN A 314 16.87 4.64 6.26
CA ASN A 314 17.16 5.74 5.35
C ASN A 314 15.88 6.11 4.60
N ASP A 315 15.99 6.96 3.58
CA ASP A 315 14.79 7.41 2.88
C ASP A 315 14.05 6.27 2.21
N TRP A 316 14.79 5.34 1.60
CA TRP A 316 14.19 4.30 0.78
C TRP A 316 14.53 2.89 1.21
N PHE A 317 15.26 2.70 2.31
CA PHE A 317 15.61 1.36 2.75
C PHE A 317 16.28 1.45 4.12
N PHE A 318 16.36 0.30 4.79
CA PHE A 318 17.06 0.18 6.07
C PHE A 318 18.48 -0.27 5.76
N ALA A 319 19.40 0.68 5.66
CA ALA A 319 20.79 0.34 5.42
C ALA A 319 21.31 -0.55 6.55
N ASN A 320 22.48 -1.13 6.32
CA ASN A 320 23.13 -2.01 7.28
C ASN A 320 24.24 -1.22 7.96
N VAL A 321 24.17 -1.10 9.28
CA VAL A 321 25.04 -0.23 10.05
C VAL A 321 25.76 -1.04 11.12
N MET A 322 26.84 -0.47 11.62
CA MET A 322 27.56 -1.10 12.72
C MET A 322 26.70 -1.07 13.98
N ALA A 323 26.69 -2.20 14.69
CA ALA A 323 25.86 -2.30 15.89
C ALA A 323 26.32 -1.34 16.98
N ASP A 324 27.63 -1.23 17.18
CA ASP A 324 28.14 -0.46 18.31
C ASP A 324 28.00 1.04 18.07
N THR A 325 28.32 1.51 16.87
CA THR A 325 28.36 2.94 16.60
C THR A 325 27.19 3.45 15.78
N GLY A 326 26.56 2.61 14.97
CA GLY A 326 25.49 3.05 14.11
C GLY A 326 25.92 3.63 12.79
N HIS A 327 27.22 3.60 12.49
CA HIS A 327 27.71 4.11 11.21
C HIS A 327 27.53 3.05 10.12
N LEU A 328 27.31 3.53 8.90
CA LEU A 328 27.11 2.61 7.78
C LEU A 328 28.30 1.68 7.62
N PHE A 329 28.01 0.39 7.43
CA PHE A 329 29.03 -0.64 7.34
C PHE A 329 29.33 -1.05 5.90
N VAL A 330 28.31 -1.40 5.13
CA VAL A 330 28.48 -1.84 3.75
C VAL A 330 27.55 -1.03 2.86
N PRO A 331 27.87 -0.84 1.58
CA PRO A 331 27.03 -0.02 0.70
C PRO A 331 25.90 -0.75 0.00
N TRP A 332 25.56 -1.97 0.42
CA TRP A 332 24.55 -2.77 -0.24
C TRP A 332 23.43 -3.15 0.71
N ILE A 333 22.27 -3.46 0.14
CA ILE A 333 21.14 -4.00 0.89
C ILE A 333 20.77 -5.34 0.27
N ASP A 334 20.61 -6.35 1.12
CA ASP A 334 20.32 -7.68 0.62
C ASP A 334 18.83 -7.83 0.31
N SER A 335 18.52 -8.85 -0.50
CA SER A 335 17.13 -9.09 -0.91
C SER A 335 16.27 -9.61 0.22
N LEU A 336 16.87 -10.28 1.22
CA LEU A 336 16.08 -10.82 2.31
C LEU A 336 15.35 -9.73 3.08
N SER A 337 15.84 -8.50 3.02
CA SER A 337 15.23 -7.40 3.76
C SER A 337 13.92 -6.93 3.15
N ALA A 338 13.50 -7.46 2.00
CA ALA A 338 12.25 -7.03 1.39
C ALA A 338 11.04 -7.44 2.23
N PHE A 339 11.21 -8.32 3.20
CA PHE A 339 10.12 -8.71 4.10
C PHE A 339 9.71 -7.59 5.04
N PHE A 340 10.61 -6.61 5.28
CA PHE A 340 10.34 -5.63 6.32
C PHE A 340 9.18 -4.72 5.96
N SER A 341 8.85 -4.57 4.68
CA SER A 341 7.66 -3.81 4.33
C SER A 341 6.41 -4.48 4.87
N GLY A 342 6.31 -5.80 4.69
CA GLY A 342 5.19 -6.53 5.26
C GLY A 342 5.20 -6.50 6.77
N LEU A 343 6.39 -6.63 7.36
CA LEU A 343 6.48 -6.57 8.82
C LEU A 343 6.01 -5.22 9.34
N GLN A 344 6.37 -4.13 8.67
CA GLN A 344 5.92 -2.81 9.07
C GLN A 344 4.43 -2.64 8.86
N VAL A 345 3.90 -3.21 7.78
CA VAL A 345 2.45 -3.21 7.60
C VAL A 345 1.77 -3.88 8.77
N LEU A 346 2.35 -4.98 9.25
CA LEU A 346 1.84 -5.61 10.47
C LEU A 346 1.96 -4.68 11.66
N ALA A 347 3.08 -3.96 11.78
CA ALA A 347 3.31 -3.07 12.90
C ALA A 347 2.50 -1.77 12.79
N GLY A 348 1.95 -1.46 11.62
CA GLY A 348 1.09 -0.32 11.47
C GLY A 348 1.71 0.92 10.83
N ASP A 349 2.95 0.84 10.36
CA ASP A 349 3.61 1.96 9.70
C ASP A 349 3.53 1.77 8.20
N LEU A 350 2.41 2.24 7.63
CA LEU A 350 2.17 2.05 6.20
C LEU A 350 3.17 2.83 5.36
N ASP A 351 3.48 4.06 5.78
CA ASP A 351 4.33 4.91 4.95
C ASP A 351 5.75 4.34 4.81
N ASP A 352 6.32 3.88 5.92
CA ASP A 352 7.65 3.28 5.86
C ASP A 352 7.63 2.03 4.99
N ALA A 353 6.60 1.21 5.13
CA ALA A 353 6.50 0.00 4.32
C ALA A 353 6.43 0.33 2.84
N ILE A 354 5.62 1.34 2.48
CA ILE A 354 5.50 1.73 1.08
C ILE A 354 6.85 2.21 0.55
N ALA A 355 7.52 3.07 1.32
CA ALA A 355 8.80 3.61 0.87
C ALA A 355 9.82 2.49 0.67
N ASN A 356 9.86 1.53 1.59
CA ASN A 356 10.82 0.45 1.48
C ASN A 356 10.49 -0.50 0.34
N HIS A 357 9.20 -0.76 0.12
CA HIS A 357 8.80 -1.68 -0.94
C HIS A 357 9.05 -1.08 -2.32
N LEU A 358 8.93 0.25 -2.44
CA LEU A 358 9.19 0.88 -3.73
C LEU A 358 10.61 0.62 -4.20
N MET A 359 11.57 0.58 -3.28
CA MET A 359 12.96 0.35 -3.69
C MET A 359 13.11 -1.02 -4.33
N PHE A 360 12.50 -2.05 -3.74
CA PHE A 360 12.61 -3.38 -4.32
C PHE A 360 11.81 -3.49 -5.60
N LEU A 361 10.73 -2.72 -5.72
CA LEU A 361 10.04 -2.65 -7.01
C LEU A 361 10.97 -2.10 -8.08
N LYS A 362 11.70 -1.02 -7.77
CA LYS A 362 12.65 -0.47 -8.74
C LYS A 362 13.76 -1.46 -9.04
N MET A 363 14.24 -2.19 -8.03
CA MET A 363 15.28 -3.19 -8.27
C MET A 363 14.78 -4.26 -9.22
N TRP A 364 13.54 -4.73 -9.03
CA TRP A 364 12.98 -5.71 -9.96
C TRP A 364 12.87 -5.12 -11.36
N ASN A 365 12.39 -3.88 -11.47
CA ASN A 365 12.30 -3.24 -12.77
C ASN A 365 13.65 -3.21 -13.47
N THR A 366 14.70 -2.91 -12.72
CA THR A 366 16.02 -2.79 -13.34
C THR A 366 16.59 -4.13 -13.74
N PHE A 367 16.50 -5.13 -12.85
CA PHE A 367 17.15 -6.41 -13.10
C PHE A 367 16.19 -7.53 -13.50
N GLY A 368 14.89 -7.32 -13.40
CA GLY A 368 13.95 -8.40 -13.61
C GLY A 368 13.94 -9.45 -12.52
N GLY A 369 14.72 -9.24 -11.47
CA GLY A 369 14.76 -10.15 -10.35
C GLY A 369 15.64 -9.56 -9.27
N ILE A 370 15.15 -9.57 -8.04
CA ILE A 370 15.81 -8.87 -6.94
C ILE A 370 17.13 -9.57 -6.63
N PRO A 371 18.28 -8.98 -6.96
CA PRO A 371 19.54 -9.66 -6.70
C PRO A 371 19.80 -9.83 -5.21
N GLU A 372 20.56 -10.87 -4.88
CA GLU A 372 20.84 -11.18 -3.49
C GLU A 372 21.36 -9.95 -2.74
N ARG A 373 22.31 -9.24 -3.36
CA ARG A 373 22.83 -8.00 -2.80
C ARG A 373 22.94 -6.97 -3.91
N TRP A 374 22.86 -5.69 -3.53
CA TRP A 374 22.84 -4.61 -4.51
C TRP A 374 23.40 -3.36 -3.84
N ASN A 375 24.38 -2.74 -4.49
CA ASN A 375 25.04 -1.55 -3.94
C ASN A 375 24.26 -0.30 -4.32
N PHE A 376 23.92 0.52 -3.34
CA PHE A 376 23.31 1.81 -3.61
C PHE A 376 24.33 2.91 -3.87
N SER A 377 25.59 2.70 -3.50
CA SER A 377 26.65 3.67 -3.73
C SER A 377 27.73 2.99 -4.53
N PRO A 378 28.04 3.44 -5.76
CA PRO A 378 29.07 2.76 -6.55
C PRO A 378 30.46 2.91 -5.95
N ASP A 396 28.96 -4.78 -14.97
CA ASP A 396 28.26 -4.12 -13.88
C ASP A 396 29.15 -4.01 -12.65
N ASN A 397 29.38 -5.14 -11.99
CA ASN A 397 30.20 -5.31 -10.80
C ASN A 397 29.51 -4.74 -9.56
N ILE A 398 28.37 -4.05 -9.71
CA ILE A 398 27.72 -3.41 -8.56
C ILE A 398 27.27 -4.46 -7.56
N LEU A 399 26.68 -5.56 -8.04
CA LEU A 399 26.13 -6.56 -7.14
C LEU A 399 27.22 -7.53 -6.70
N PRO A 400 27.57 -7.60 -5.41
CA PRO A 400 28.50 -8.66 -4.98
C PRO A 400 27.93 -10.04 -5.19
N LEU A 401 26.74 -10.31 -4.64
CA LEU A 401 26.01 -11.54 -4.87
C LEU A 401 24.80 -11.21 -5.71
N GLU A 402 24.67 -11.86 -6.87
CA GLU A 402 23.70 -11.46 -7.87
C GLU A 402 22.70 -12.54 -8.24
N TRP A 403 22.81 -13.75 -7.67
CA TRP A 403 21.82 -14.77 -7.95
C TRP A 403 20.49 -14.40 -7.31
N TYR A 404 19.40 -14.67 -8.03
CA TYR A 404 18.06 -14.48 -7.51
C TYR A 404 17.39 -15.85 -7.37
N PRO A 405 17.34 -16.44 -6.18
CA PRO A 405 16.79 -17.79 -6.05
C PRO A 405 15.27 -17.82 -6.02
N LEU A 406 14.63 -16.74 -6.47
CA LEU A 406 13.18 -16.65 -6.51
C LEU A 406 12.59 -16.51 -5.11
N ARG A 407 13.23 -15.70 -4.29
CA ARG A 407 12.81 -15.55 -2.90
C ARG A 407 11.45 -14.86 -2.85
N PRO A 408 10.62 -15.18 -1.84
CA PRO A 408 9.27 -14.63 -1.76
C PRO A 408 9.14 -13.29 -1.05
N GLU A 409 10.21 -12.75 -0.47
CA GLU A 409 10.09 -11.57 0.37
C GLU A 409 9.40 -10.42 -0.35
N PHE A 410 9.76 -10.19 -1.61
CA PHE A 410 9.08 -9.16 -2.39
C PHE A 410 7.61 -9.50 -2.57
N PHE A 411 7.31 -10.77 -2.84
CA PHE A 411 5.91 -11.17 -2.98
C PHE A 411 5.16 -10.98 -1.67
N GLU A 412 5.79 -11.33 -0.56
CA GLU A 412 5.17 -11.16 0.75
C GLU A 412 4.87 -9.69 1.03
N SER A 413 5.85 -8.82 0.77
CA SER A 413 5.65 -7.40 0.99
C SER A 413 4.54 -6.86 0.10
N THR A 414 4.52 -7.27 -1.16
CA THR A 414 3.46 -6.81 -2.06
C THR A 414 2.10 -7.25 -1.56
N TYR A 415 1.99 -8.50 -1.12
CA TYR A 415 0.71 -9.01 -0.63
C TYR A 415 0.25 -8.23 0.59
N PHE A 416 1.14 -8.05 1.57
CA PHE A 416 0.74 -7.35 2.79
C PHE A 416 0.41 -5.89 2.52
N LEU A 417 1.17 -5.24 1.63
CA LEU A 417 0.86 -3.85 1.30
C LEU A 417 -0.47 -3.73 0.57
N TYR A 418 -0.79 -4.70 -0.30
CA TYR A 418 -2.10 -4.68 -0.93
C TYR A 418 -3.21 -4.86 0.10
N ARG A 419 -3.02 -5.79 1.05
CA ARG A 419 -4.03 -5.98 2.07
C ARG A 419 -4.23 -4.71 2.89
N ALA A 420 -3.14 -4.03 3.21
CA ALA A 420 -3.25 -2.81 4.00
C ALA A 420 -3.91 -1.68 3.22
N THR A 421 -3.49 -1.47 1.97
CA THR A 421 -3.93 -0.32 1.20
C THR A 421 -5.03 -0.63 0.20
N LYS A 422 -5.14 -1.87 -0.26
CA LYS A 422 -6.11 -2.24 -1.29
C LYS A 422 -5.86 -1.46 -2.58
N ASP A 423 -4.60 -1.13 -2.84
CA ASP A 423 -4.24 -0.32 -3.99
C ASP A 423 -3.95 -1.21 -5.18
N PRO A 424 -4.64 -1.05 -6.33
CA PRO A 424 -4.34 -1.89 -7.49
C PRO A 424 -2.91 -1.76 -8.00
N PHE A 425 -2.13 -0.82 -7.46
CA PHE A 425 -0.71 -0.74 -7.80
C PHE A 425 -0.01 -2.05 -7.47
N TYR A 426 -0.29 -2.59 -6.28
CA TYR A 426 0.34 -3.85 -5.88
C TYR A 426 -0.28 -5.03 -6.61
N LEU A 427 -1.54 -4.94 -7.02
CA LEU A 427 -2.12 -5.96 -7.88
C LEU A 427 -1.39 -6.01 -9.21
N ASN A 428 -1.07 -4.85 -9.78
CA ASN A 428 -0.28 -4.83 -11.01
C ASN A 428 1.10 -5.41 -10.79
N ILE A 429 1.72 -5.09 -9.66
CA ILE A 429 3.02 -5.70 -9.36
C ILE A 429 2.90 -7.22 -9.34
N GLY A 430 1.84 -7.74 -8.70
CA GLY A 430 1.65 -9.18 -8.66
C GLY A 430 1.40 -9.78 -10.03
N VAL A 431 0.63 -9.09 -10.87
CA VAL A 431 0.37 -9.58 -12.22
C VAL A 431 1.67 -9.67 -13.00
N HIS A 432 2.52 -8.65 -12.90
CA HIS A 432 3.79 -8.68 -13.61
C HIS A 432 4.70 -9.77 -13.05
N LEU A 433 4.67 -10.00 -11.73
CA LEU A 433 5.46 -11.08 -11.16
C LEU A 433 4.99 -12.44 -11.68
N LEU A 434 3.67 -12.63 -11.78
CA LEU A 434 3.14 -13.87 -12.33
C LEU A 434 3.56 -14.05 -13.78
N LYS A 435 3.47 -13.00 -14.57
CA LYS A 435 3.89 -13.07 -15.96
C LYS A 435 5.37 -13.42 -16.06
N ASP A 436 6.20 -12.79 -15.22
CA ASP A 436 7.62 -13.11 -15.22
C ASP A 436 7.84 -14.57 -14.86
N LEU A 437 7.16 -15.05 -13.81
CA LEU A 437 7.28 -16.47 -13.46
C LEU A 437 7.03 -17.34 -14.67
N LYS A 438 5.85 -17.17 -15.29
CA LYS A 438 5.46 -18.03 -16.39
C LYS A 438 6.46 -17.94 -17.55
N GLN A 439 6.91 -16.73 -17.88
CA GLN A 439 7.65 -16.53 -19.12
C GLN A 439 9.14 -16.85 -18.97
N ARG A 440 9.72 -16.56 -17.82
CA ARG A 440 11.16 -16.67 -17.64
C ARG A 440 11.58 -17.68 -16.59
N PHE A 441 10.81 -17.83 -15.51
CA PHE A 441 11.22 -18.73 -14.44
C PHE A 441 10.65 -20.13 -14.59
N LYS A 442 9.53 -20.28 -15.29
CA LYS A 442 8.94 -21.60 -15.50
C LYS A 442 9.87 -22.45 -16.36
N SER A 443 10.01 -23.71 -15.98
CA SER A 443 10.89 -24.64 -16.68
C SER A 443 10.15 -25.93 -17.01
N ASN A 444 10.88 -26.94 -17.47
CA ASN A 444 10.24 -28.19 -17.85
C ASN A 444 9.59 -28.87 -16.66
N CYS A 445 10.26 -28.87 -15.50
CA CYS A 445 9.77 -29.56 -14.32
C CYS A 445 9.70 -28.68 -13.09
N GLY A 446 9.60 -27.37 -13.25
CA GLY A 446 9.53 -26.50 -12.10
C GLY A 446 9.89 -25.08 -12.49
N PHE A 447 10.11 -24.26 -11.45
CA PHE A 447 10.50 -22.87 -11.63
C PHE A 447 11.95 -22.70 -11.19
N ALA A 448 12.74 -22.06 -12.04
CA ALA A 448 14.16 -21.83 -11.79
C ALA A 448 14.42 -20.34 -11.69
N GLY A 449 15.16 -19.94 -10.67
CA GLY A 449 15.56 -18.56 -10.52
C GLY A 449 16.80 -18.22 -11.31
N PHE A 450 17.19 -16.95 -11.26
CA PHE A 450 18.39 -16.51 -11.94
C PHE A 450 19.63 -16.95 -11.15
N GLN A 451 20.53 -17.66 -11.82
CA GLN A 451 21.84 -17.90 -11.21
C GLN A 451 22.66 -16.63 -11.18
N ASN A 452 22.42 -15.72 -12.13
CA ASN A 452 23.15 -14.46 -12.20
C ASN A 452 22.30 -13.50 -13.01
N VAL A 453 21.77 -12.46 -12.35
CA VAL A 453 20.87 -11.54 -13.03
C VAL A 453 21.61 -10.74 -14.09
N ILE A 454 22.93 -10.55 -13.92
CA ILE A 454 23.68 -9.74 -14.86
C ILE A 454 23.69 -10.39 -16.24
N THR A 455 23.81 -11.71 -16.29
CA THR A 455 23.87 -12.42 -17.57
C THR A 455 22.54 -13.07 -17.94
N GLY A 456 21.67 -13.33 -16.97
CA GLY A 456 20.37 -13.92 -17.24
C GLY A 456 20.32 -15.44 -17.13
N GLU A 457 21.41 -16.08 -16.74
CA GLU A 457 21.42 -17.53 -16.61
C GLU A 457 20.46 -17.97 -15.52
N LEU A 458 19.76 -19.08 -15.76
CA LEU A 458 18.80 -19.64 -14.82
C LEU A 458 19.46 -20.81 -14.10
N GLN A 459 19.47 -20.76 -12.77
CA GLN A 459 20.04 -21.86 -11.99
C GLN A 459 19.11 -23.08 -12.05
N ASP A 460 19.72 -24.26 -11.95
CA ASP A 460 18.97 -25.52 -11.96
C ASP A 460 18.69 -25.93 -10.52
N ARG A 461 17.71 -25.27 -9.92
CA ARG A 461 17.31 -25.60 -8.55
C ARG A 461 15.98 -24.93 -8.26
N MET A 462 15.09 -25.67 -7.61
CA MET A 462 13.83 -25.14 -7.08
C MET A 462 13.86 -25.26 -5.56
N GLU A 463 14.09 -24.15 -4.89
CA GLU A 463 14.07 -24.15 -3.44
C GLU A 463 12.65 -24.37 -2.93
N THR A 464 12.53 -25.03 -1.78
CA THR A 464 11.22 -25.32 -1.24
C THR A 464 10.44 -24.03 -0.99
N PHE A 465 11.12 -22.98 -0.52
CA PHE A 465 10.42 -21.74 -0.23
C PHE A 465 9.72 -21.19 -1.46
N VAL A 466 10.15 -21.56 -2.67
CA VAL A 466 9.42 -21.14 -3.87
C VAL A 466 7.96 -21.55 -3.75
N LEU A 467 7.71 -22.86 -3.73
CA LEU A 467 6.34 -23.35 -3.65
C LEU A 467 5.69 -22.94 -2.33
N SER A 468 6.44 -22.96 -1.24
CA SER A 468 5.85 -22.70 0.06
C SER A 468 5.33 -21.28 0.17
N GLU A 469 6.07 -20.30 -0.37
CA GLU A 469 5.84 -18.90 -0.09
C GLU A 469 5.50 -18.08 -1.32
N THR A 470 6.29 -18.18 -2.40
CA THR A 470 6.09 -17.29 -3.53
C THR A 470 4.71 -17.51 -4.16
N LEU A 471 4.40 -18.75 -4.50
CA LEU A 471 3.10 -19.06 -5.09
C LEU A 471 1.99 -18.81 -4.09
N LYS A 472 2.23 -19.11 -2.82
CA LYS A 472 1.21 -18.91 -1.79
C LYS A 472 0.84 -17.45 -1.68
N TYR A 473 1.84 -16.57 -1.59
CA TYR A 473 1.58 -15.14 -1.45
C TYR A 473 0.98 -14.56 -2.72
N LEU A 474 1.43 -15.01 -3.90
CA LEU A 474 0.83 -14.55 -5.13
C LEU A 474 -0.66 -14.94 -5.19
N TYR A 475 -0.96 -16.19 -4.84
CA TYR A 475 -2.34 -16.65 -4.82
C TYR A 475 -3.19 -15.85 -3.85
N LEU A 476 -2.66 -15.62 -2.64
CA LEU A 476 -3.41 -14.84 -1.65
C LEU A 476 -3.63 -13.42 -2.12
N LEU A 477 -2.61 -12.82 -2.74
CA LEU A 477 -2.78 -11.48 -3.30
C LEU A 477 -3.90 -11.47 -4.34
N PHE A 478 -3.99 -12.52 -5.14
CA PHE A 478 -5.07 -12.59 -6.12
C PHE A 478 -6.34 -13.23 -5.57
N ASP A 479 -6.26 -13.91 -4.42
CA ASP A 479 -7.43 -14.57 -3.84
C ASP A 479 -8.04 -13.65 -2.78
N GLU A 480 -8.83 -12.69 -3.25
CA GLU A 480 -9.48 -11.76 -2.32
C GLU A 480 -10.45 -12.46 -1.39
N GLU A 481 -11.03 -13.60 -1.81
CA GLU A 481 -12.05 -14.29 -1.04
C GLU A 481 -11.49 -15.39 -0.15
N ASN A 482 -10.17 -15.45 0.00
CA ASN A 482 -9.57 -16.50 0.82
C ASN A 482 -10.02 -16.36 2.27
N GLU A 483 -10.21 -17.51 2.92
CA GLU A 483 -10.66 -17.51 4.32
C GLU A 483 -9.66 -16.88 5.26
N LEU A 484 -8.38 -16.81 4.87
CA LEU A 484 -7.35 -16.33 5.78
C LEU A 484 -7.60 -14.89 6.20
N HIS A 485 -7.96 -14.03 5.24
CA HIS A 485 -8.19 -12.63 5.53
C HIS A 485 -9.65 -12.24 5.47
N ASN A 486 -10.50 -13.04 4.81
CA ASN A 486 -11.93 -12.73 4.79
C ASN A 486 -12.62 -13.09 6.10
N SER A 487 -12.23 -14.23 6.69
CA SER A 487 -12.94 -14.78 7.84
C SER A 487 -12.10 -14.85 9.09
N ALA A 488 -10.92 -15.49 9.04
CA ALA A 488 -10.14 -15.71 10.24
C ALA A 488 -9.76 -14.40 10.90
N SER A 489 -9.13 -13.50 10.15
CA SER A 489 -8.81 -12.15 10.58
C SER A 489 -7.88 -12.11 11.80
N ASP A 490 -7.33 -13.26 12.23
CA ASP A 490 -6.41 -13.29 13.35
C ASP A 490 -5.19 -14.16 13.07
N VAL A 491 -5.05 -14.71 11.87
CA VAL A 491 -3.92 -15.58 11.57
C VAL A 491 -2.65 -14.75 11.51
N ILE A 492 -1.53 -15.38 11.89
CA ILE A 492 -0.22 -14.77 11.81
C ILE A 492 0.66 -15.68 10.97
N PHE A 493 1.11 -15.18 9.82
CA PHE A 493 2.01 -15.94 8.98
C PHE A 493 3.37 -16.10 9.65
N SER A 494 3.92 -17.31 9.57
CA SER A 494 5.27 -17.53 10.05
C SER A 494 6.26 -16.98 9.02
N THR A 495 7.55 -17.09 9.34
CA THR A 495 8.56 -16.58 8.41
C THR A 495 8.58 -17.34 7.10
N GLU A 496 8.06 -18.57 7.09
CA GLU A 496 7.93 -19.37 5.88
C GLU A 496 6.53 -19.33 5.30
N ALA A 497 5.69 -18.40 5.74
CA ALA A 497 4.36 -18.20 5.20
C ALA A 497 3.38 -19.31 5.59
N HIS A 498 3.59 -19.92 6.74
CA HIS A 498 2.66 -20.93 7.25
C HIS A 498 1.70 -20.24 8.20
N PRO A 499 0.39 -20.21 7.92
CA PRO A 499 -0.54 -19.58 8.85
C PRO A 499 -0.50 -20.25 10.22
N MET A 500 -0.59 -19.43 11.26
CA MET A 500 -0.59 -19.91 12.63
C MET A 500 -1.67 -19.18 13.41
N TRP A 501 -2.33 -19.92 14.31
CA TRP A 501 -3.33 -19.33 15.19
C TRP A 501 -3.62 -20.34 16.30
N LEU A 502 -3.67 -19.85 17.54
CA LEU A 502 -3.91 -20.72 18.69
C LEU A 502 -5.37 -20.65 19.08
N PRO A 503 -6.12 -21.75 18.97
CA PRO A 503 -7.54 -21.70 19.38
C PRO A 503 -7.67 -21.34 20.85
N GLN A 504 -8.74 -20.61 21.17
CA GLN A 504 -8.93 -20.11 22.53
C GLN A 504 -8.95 -21.24 23.55
N GLU A 505 -9.51 -22.40 23.18
CA GLU A 505 -9.51 -23.52 24.11
C GLU A 505 -8.09 -23.99 24.37
N VAL A 506 -7.27 -24.08 23.32
CA VAL A 506 -5.87 -24.46 23.49
C VAL A 506 -5.15 -23.44 24.37
N ARG A 507 -5.41 -22.15 24.13
CA ARG A 507 -4.77 -21.11 24.93
C ARG A 507 -5.12 -21.26 26.40
N SER A 508 -6.41 -21.41 26.70
CA SER A 508 -6.83 -21.54 28.08
C SER A 508 -6.25 -22.79 28.72
N ASN A 509 -6.27 -23.91 28.00
CA ASN A 509 -5.74 -25.15 28.55
C ASN A 509 -4.26 -25.02 28.85
N TYR A 510 -3.50 -24.38 27.95
CA TYR A 510 -2.07 -24.22 28.18
C TYR A 510 -1.82 -23.32 29.39
N LYS A 511 -2.57 -22.21 29.49
CA LYS A 511 -2.37 -21.30 30.62
C LYS A 511 -2.68 -22.00 31.94
N ARG A 512 -3.76 -22.78 31.98
CA ARG A 512 -4.15 -23.42 33.23
C ARG A 512 -3.23 -24.57 33.60
N ASN A 513 -2.87 -25.41 32.63
CA ASN A 513 -2.08 -26.62 32.89
C ASN A 513 -0.63 -26.33 32.50
N ALA A 514 0.11 -25.76 33.45
CA ALA A 514 1.54 -25.50 33.30
C ALA A 514 2.29 -26.41 34.25
N LYS A 515 3.24 -27.18 33.71
CA LYS A 515 4.00 -28.14 34.51
C LYS A 515 5.32 -28.43 33.82
N PHE A 516 6.42 -28.03 34.44
CA PHE A 516 7.74 -28.37 33.95
C PHE A 516 8.80 -28.15 35.04
N LEU A 575 1.52 4.83 26.26
CA LEU A 575 0.30 4.33 25.64
C LEU A 575 0.63 3.04 24.89
N PRO A 576 -0.39 2.28 24.48
CA PRO A 576 -0.14 1.06 23.70
C PRO A 576 0.02 1.38 22.22
N GLY A 577 0.39 0.35 21.47
CA GLY A 577 0.59 0.51 20.04
C GLY A 577 -0.70 0.75 19.30
N THR A 578 -0.58 1.33 18.11
CA THR A 578 -1.71 1.57 17.23
C THR A 578 -1.25 1.43 15.79
N CYS A 579 -2.21 1.46 14.87
CA CYS A 579 -1.95 1.33 13.44
C CYS A 579 -2.50 2.55 12.71
N SER A 580 -1.78 2.98 11.68
CA SER A 580 -2.23 4.10 10.87
C SER A 580 -3.37 3.65 9.97
N ILE A 581 -4.47 4.41 9.98
CA ILE A 581 -5.64 4.03 9.21
C ILE A 581 -5.33 4.07 7.72
N LYS A 582 -4.63 5.10 7.26
CA LYS A 582 -4.38 5.29 5.84
C LYS A 582 -2.95 5.77 5.63
N PRO A 583 -2.39 5.52 4.45
CA PRO A 583 -1.08 6.10 4.13
C PRO A 583 -1.18 7.61 3.97
N HIS A 584 -0.05 8.29 4.18
CA HIS A 584 -0.03 9.74 4.10
C HIS A 584 -0.39 10.22 2.69
N HIS A 585 0.13 9.56 1.66
CA HIS A 585 -0.06 10.05 0.30
C HIS A 585 -1.51 9.99 -0.14
N VAL A 586 -2.31 9.09 0.45
CA VAL A 586 -3.71 8.97 0.07
C VAL A 586 -4.41 10.27 0.43
N ILE A 587 -5.00 10.92 -0.58
CA ILE A 587 -5.63 12.22 -0.43
C ILE A 587 -7.11 12.06 -0.71
N GLY A 588 -7.94 12.41 0.27
CA GLY A 588 -9.38 12.28 0.10
C GLY A 588 -9.75 10.86 -0.26
N ASP A 589 -10.73 10.73 -1.14
CA ASP A 589 -11.12 9.44 -1.70
C ASP A 589 -10.98 9.50 -3.22
N GLU A 590 -10.45 8.43 -3.80
CA GLU A 590 -10.26 8.33 -5.24
C GLU A 590 -10.75 6.98 -5.72
N PHE A 591 -11.73 6.99 -6.62
CA PHE A 591 -12.28 5.76 -7.15
C PHE A 591 -11.64 5.32 -8.46
N TRP A 592 -11.08 6.25 -9.22
CA TRP A 592 -10.69 5.96 -10.60
C TRP A 592 -9.22 5.61 -10.72
N TYR A 593 -8.36 6.14 -9.86
CA TYR A 593 -6.93 6.06 -10.04
C TYR A 593 -6.25 5.48 -8.80
N SER A 594 -5.09 4.90 -9.02
CA SER A 594 -4.31 4.35 -7.92
C SER A 594 -3.64 5.47 -7.14
N PRO A 595 -3.87 5.59 -5.83
CA PRO A 595 -3.19 6.65 -5.07
C PRO A 595 -1.68 6.57 -5.14
N MET A 596 -1.11 5.37 -5.23
CA MET A 596 0.34 5.25 -5.29
C MET A 596 0.88 5.88 -6.57
N LEU A 597 0.31 5.52 -7.72
CA LEU A 597 0.74 6.12 -8.98
C LEU A 597 0.49 7.61 -8.99
N SER A 598 -0.75 8.02 -8.68
CA SER A 598 -1.14 9.41 -8.87
C SER A 598 -0.53 10.32 -7.81
N ASN A 599 -0.60 9.93 -6.53
CA ASN A 599 -0.36 10.85 -5.44
C ASN A 599 0.99 10.67 -4.76
N PHE A 600 1.75 9.64 -5.10
CA PHE A 600 3.08 9.46 -4.52
C PHE A 600 4.06 10.27 -5.37
N ASP A 601 4.38 11.47 -4.90
CA ASP A 601 5.24 12.37 -5.67
C ASP A 601 6.64 11.79 -5.83
N ARG A 602 7.16 11.14 -4.79
CA ARG A 602 8.50 10.57 -4.81
C ARG A 602 8.52 9.17 -5.39
N LEU A 603 7.54 8.81 -6.23
CA LEU A 603 7.47 7.46 -6.75
C LEU A 603 8.71 7.10 -7.55
N PHE A 604 9.21 8.02 -8.35
CA PHE A 604 10.36 7.77 -9.22
C PHE A 604 11.63 8.43 -8.74
N GLU A 605 11.67 8.93 -7.50
CA GLU A 605 12.87 9.56 -6.99
C GLU A 605 14.04 8.57 -6.96
N ILE A 606 13.74 7.29 -6.75
CA ILE A 606 14.80 6.29 -6.66
C ILE A 606 15.53 6.16 -7.99
N ASP A 607 14.79 6.28 -9.08
CA ASP A 607 15.40 6.17 -10.41
C ASP A 607 16.55 7.15 -10.57
N SER A 608 16.31 8.41 -10.20
CA SER A 608 17.36 9.42 -10.32
C SER A 608 18.41 9.29 -9.23
N ARG A 609 17.99 9.04 -7.99
CA ARG A 609 18.92 9.09 -6.88
C ARG A 609 19.98 7.99 -7.00
N PHE A 610 19.58 6.80 -7.44
CA PHE A 610 20.48 5.67 -7.59
C PHE A 610 20.63 5.25 -9.05
N ALA A 611 20.50 6.20 -9.98
CA ALA A 611 20.65 5.86 -11.40
C ALA A 611 21.99 5.23 -11.69
N ALA A 612 23.03 5.62 -10.95
CA ALA A 612 24.36 5.07 -11.21
C ALA A 612 24.40 3.57 -10.96
N THR A 613 23.75 3.11 -9.89
CA THR A 613 23.80 1.70 -9.51
C THR A 613 22.63 0.89 -10.05
N LEU A 614 21.65 1.53 -10.68
CA LEU A 614 20.52 0.82 -11.28
C LEU A 614 20.76 0.74 -12.78
N ILE A 615 21.56 -0.25 -13.18
CA ILE A 615 21.95 -0.44 -14.56
C ILE A 615 21.28 -1.70 -15.07
N LYS A 616 20.52 -1.58 -16.15
CA LYS A 616 19.80 -2.73 -16.69
C LYS A 616 20.77 -3.67 -17.39
N PRO A 617 20.80 -4.95 -17.03
CA PRO A 617 21.59 -5.92 -17.80
C PRO A 617 21.07 -6.03 -19.23
N SER A 618 21.80 -6.80 -20.03
CA SER A 618 21.49 -6.89 -21.45
C SER A 618 20.10 -7.46 -21.68
N HIS A 619 19.76 -8.54 -20.99
CA HIS A 619 18.46 -9.17 -21.19
C HIS A 619 17.32 -8.33 -20.67
N MET A 620 17.61 -7.26 -19.93
CA MET A 620 16.57 -6.41 -19.36
C MET A 620 16.19 -5.26 -20.28
N HIS A 621 16.82 -5.13 -21.44
CA HIS A 621 16.60 -3.95 -22.28
C HIS A 621 15.15 -3.85 -22.71
N ASN A 622 14.53 -4.97 -23.09
CA ASN A 622 13.16 -4.93 -23.57
C ASN A 622 12.17 -4.67 -22.45
N TYR A 623 12.47 -5.13 -21.24
CA TYR A 623 11.49 -5.05 -20.16
C TYR A 623 11.23 -3.60 -19.77
N ASN A 624 9.95 -3.25 -19.67
CA ASN A 624 9.52 -1.94 -19.22
C ASN A 624 9.24 -1.97 -17.71
N ALA A 625 9.30 -0.79 -17.10
CA ALA A 625 9.01 -0.69 -15.68
C ALA A 625 7.60 -1.18 -15.40
N ILE A 626 7.44 -1.93 -14.30
CA ILE A 626 6.15 -2.52 -13.98
C ILE A 626 5.08 -1.44 -13.85
N GLU A 627 5.36 -0.40 -13.08
CA GLU A 627 4.37 0.65 -12.88
C GLU A 627 4.08 1.42 -14.16
N LEU A 628 4.97 1.35 -15.16
CA LEU A 628 4.82 2.08 -16.40
C LEU A 628 4.22 1.22 -17.51
N GLU A 629 3.65 0.07 -17.17
CA GLU A 629 2.99 -0.74 -18.20
C GLU A 629 1.88 0.09 -18.83
N PRO A 630 1.89 0.30 -20.15
CA PRO A 630 0.90 1.22 -20.74
C PRO A 630 -0.54 0.87 -20.40
N GLY A 631 -0.89 -0.41 -20.42
CA GLY A 631 -2.26 -0.78 -20.08
C GLY A 631 -2.62 -0.44 -18.65
N PHE A 632 -1.69 -0.68 -17.72
CA PHE A 632 -1.94 -0.35 -16.33
C PHE A 632 -1.87 1.15 -16.09
N TYR A 633 -0.86 1.82 -16.68
CA TYR A 633 -0.66 3.24 -16.43
C TYR A 633 -1.83 4.06 -16.97
N ASN A 634 -2.30 3.75 -18.18
CA ASN A 634 -3.37 4.55 -18.78
C ASN A 634 -4.68 4.42 -18.01
N ARG A 635 -4.78 3.46 -17.11
CA ARG A 635 -6.01 3.22 -16.35
C ARG A 635 -5.90 3.66 -14.89
N TRP A 636 -4.74 3.48 -14.27
CA TRP A 636 -4.58 3.72 -12.83
C TRP A 636 -3.64 4.88 -12.55
N SER A 637 -3.72 5.94 -13.37
CA SER A 637 -2.91 7.13 -13.17
C SER A 637 -3.79 8.35 -13.35
N ASN A 638 -3.73 9.26 -12.37
CA ASN A 638 -4.52 10.48 -12.41
C ASN A 638 -3.76 11.54 -13.20
N PRO A 639 -4.26 11.98 -14.35
CA PRO A 639 -3.53 13.03 -15.09
C PRO A 639 -3.36 14.30 -14.28
N GLN A 640 -4.28 14.59 -13.37
CA GLN A 640 -4.20 15.82 -12.60
C GLN A 640 -3.04 15.80 -11.62
N PHE A 641 -2.77 14.63 -11.03
CA PHE A 641 -1.78 14.53 -9.96
C PHE A 641 -0.60 13.62 -10.29
N SER A 642 -0.64 12.89 -11.40
CA SER A 642 0.42 11.94 -11.71
C SER A 642 1.68 12.70 -12.12
N THR A 643 2.34 13.35 -11.17
CA THR A 643 3.42 14.26 -11.45
C THR A 643 4.67 13.87 -10.66
N CYS A 644 5.83 14.01 -11.32
CA CYS A 644 7.13 13.83 -10.70
C CYS A 644 7.36 14.91 -9.65
N LEU A 645 8.48 14.80 -8.94
CA LEU A 645 8.90 15.79 -7.96
C LEU A 645 10.33 16.18 -8.25
N ILE A 646 10.60 17.48 -8.20
CA ILE A 646 11.95 17.96 -8.53
C ILE A 646 12.92 17.46 -7.47
N PRO A 647 14.04 16.86 -7.85
CA PRO A 647 14.95 16.32 -6.84
C PRO A 647 15.63 17.44 -6.08
N PRO A 648 16.09 17.17 -4.86
CA PRO A 648 16.80 18.21 -4.09
C PRO A 648 18.20 18.43 -4.64
N THR A 649 18.50 19.68 -4.98
CA THR A 649 19.84 20.09 -5.37
C THR A 649 20.67 20.56 -4.18
N THR A 650 20.05 20.73 -3.02
CA THR A 650 20.76 21.19 -1.84
C THR A 650 21.61 20.07 -1.24
N GLU A 651 22.51 20.45 -0.34
CA GLU A 651 23.35 19.48 0.36
C GLU A 651 22.61 18.96 1.58
N ILE A 652 22.62 17.64 1.75
CA ILE A 652 21.96 16.97 2.87
C ILE A 652 23.01 16.17 3.61
N PHE A 653 23.11 16.39 4.92
CA PHE A 653 24.07 15.70 5.76
C PHE A 653 23.40 15.34 7.08
N GLU A 654 23.97 14.33 7.75
CA GLU A 654 23.42 13.82 8.99
C GLU A 654 24.47 13.88 10.09
N LEU A 655 24.04 14.25 11.29
CA LEU A 655 24.91 14.32 12.46
C LEU A 655 24.31 13.49 13.59
N LEU A 656 25.16 13.07 14.51
CA LEU A 656 24.77 12.19 15.61
C LEU A 656 24.79 12.95 16.93
N PHE A 657 23.73 12.80 17.71
CA PHE A 657 23.59 13.45 19.01
C PHE A 657 23.60 12.38 20.09
N ASP A 658 24.73 12.23 20.78
CA ASP A 658 24.86 11.26 21.87
C ASP A 658 24.51 11.89 23.22
N LEU A 659 23.34 12.51 23.29
CA LEU A 659 22.93 13.17 24.53
C LEU A 659 22.64 12.12 25.60
N PRO A 660 22.94 12.42 26.87
CA PRO A 660 22.63 11.47 27.94
C PRO A 660 21.12 11.42 28.21
N GLY A 661 20.69 10.31 28.78
CA GLY A 661 19.31 10.09 29.14
C GLY A 661 18.77 8.80 28.56
N TYR A 662 17.46 8.79 28.32
CA TYR A 662 16.78 7.66 27.72
C TYR A 662 16.07 8.10 26.44
N HIS A 663 15.86 7.13 25.55
CA HIS A 663 15.30 7.39 24.22
C HIS A 663 13.79 7.18 24.27
N GLN A 664 13.04 8.18 23.79
CA GLN A 664 11.60 8.08 23.70
C GLN A 664 11.23 7.23 22.48
N LEU A 665 10.55 6.10 22.71
CA LEU A 665 10.28 5.17 21.62
C LEU A 665 9.37 5.78 20.57
N ASN A 666 8.34 6.50 21.00
CA ASN A 666 7.34 7.07 20.10
C ASN A 666 7.16 8.55 20.40
N PRO A 667 8.03 9.41 19.86
CA PRO A 667 7.82 10.85 20.04
C PRO A 667 6.47 11.28 19.50
N LEU A 668 5.82 12.17 20.25
CA LEU A 668 4.45 12.57 19.93
C LEU A 668 4.45 13.57 18.77
N MET A 669 3.50 13.40 17.87
CA MET A 669 3.33 14.29 16.71
C MET A 669 2.18 15.24 16.96
N LEU A 670 2.44 16.54 16.83
CA LEU A 670 1.41 17.55 17.01
C LEU A 670 0.48 17.58 15.79
N LYS A 673 2.08 19.21 12.56
CA LYS A 673 3.25 18.88 11.73
C LYS A 673 4.52 19.09 12.52
N THR A 674 4.53 18.68 13.79
CA THR A 674 5.67 18.85 14.67
C THR A 674 5.93 17.57 15.43
N ILE A 675 7.21 17.24 15.61
CA ILE A 675 7.65 16.10 16.40
C ILE A 675 8.19 16.64 17.72
N THR A 676 7.64 16.16 18.82
CA THR A 676 8.05 16.59 20.15
C THR A 676 8.86 15.48 20.81
N PHE A 677 10.01 15.84 21.36
CA PHE A 677 10.94 14.91 21.98
C PHE A 677 11.06 15.27 23.46
N GLU A 678 10.27 14.62 24.31
CA GLU A 678 10.35 14.89 25.75
C GLU A 678 11.73 14.58 26.28
N THR A 679 12.30 13.45 25.87
CA THR A 679 13.67 13.09 26.20
C THR A 679 14.46 12.92 24.91
N PHE A 680 15.75 13.26 24.97
CA PHE A 680 16.63 13.16 23.81
C PHE A 680 17.84 12.28 24.10
N GLY A 681 17.75 11.39 25.08
CA GLY A 681 18.88 10.55 25.44
C GLY A 681 19.22 9.54 24.36
N GLY A 682 20.45 9.06 24.43
CA GLY A 682 20.95 8.11 23.45
C GLY A 682 21.32 8.80 22.14
N ARG A 683 21.88 8.01 21.23
CA ARG A 683 22.23 8.54 19.93
C ARG A 683 20.97 8.92 19.16
N SER A 684 21.03 10.06 18.47
CA SER A 684 19.91 10.56 17.68
C SER A 684 20.44 10.98 16.32
N ARG A 685 20.12 10.21 15.28
CA ARG A 685 20.58 10.49 13.93
C ARG A 685 19.68 11.55 13.33
N LEU A 686 20.21 12.77 13.17
CA LEU A 686 19.47 13.90 12.65
C LEU A 686 19.95 14.21 11.23
N LYS A 687 19.03 14.20 10.28
CA LYS A 687 19.34 14.43 8.87
C LYS A 687 19.03 15.89 8.56
N ILE A 688 20.06 16.72 8.47
CA ILE A 688 19.91 18.16 8.27
C ILE A 688 20.13 18.46 6.79
N GLU A 689 19.49 19.54 6.33
CA GLU A 689 19.57 20.00 4.96
C GLU A 689 20.16 21.41 4.94
N LYS A 690 21.23 21.60 4.17
CA LYS A 690 21.82 22.91 4.00
C LYS A 690 20.96 23.71 3.03
N LEU A 691 20.64 24.95 3.40
CA LEU A 691 19.76 25.80 2.61
C LEU A 691 20.59 26.92 1.98
N GLN A 692 20.59 26.99 0.65
CA GLN A 692 21.28 28.03 -0.09
C GLN A 692 20.28 28.74 -1.00
N ILE A 693 20.40 30.07 -1.09
CA ILE A 693 19.46 30.85 -1.88
C ILE A 693 19.44 30.35 -3.31
N TYR A 694 18.24 30.36 -3.91
CA TYR A 694 18.04 29.93 -5.28
C TYR A 694 18.52 28.48 -5.48
N GLN A 695 17.85 27.58 -4.77
CA GLN A 695 18.13 26.16 -4.86
C GLN A 695 16.86 25.39 -4.53
N ILE A 696 16.85 24.12 -4.92
CA ILE A 696 15.69 23.26 -4.71
C ILE A 696 15.89 22.49 -3.42
N ASP A 697 14.92 22.60 -2.51
CA ASP A 697 15.04 22.01 -1.18
C ASP A 697 14.66 20.54 -1.23
N TYR A 698 14.58 19.91 -0.05
CA TYR A 698 14.21 18.50 0.03
C TYR A 698 12.80 18.26 -0.47
N TYR A 699 11.92 19.24 -0.31
CA TYR A 699 10.51 19.08 -0.63
C TYR A 699 10.16 19.61 -2.02
N GLY A 700 11.16 19.95 -2.83
CA GLY A 700 10.92 20.37 -4.19
C GLY A 700 10.57 21.84 -4.36
N ASP A 701 10.61 22.63 -3.30
CA ASP A 701 10.30 24.04 -3.38
C ASP A 701 11.57 24.86 -3.58
N LEU A 702 11.43 25.99 -4.28
CA LEU A 702 12.56 26.86 -4.55
C LEU A 702 12.80 27.75 -3.34
N ILE A 703 14.05 27.76 -2.85
CA ILE A 703 14.39 28.57 -1.69
C ILE A 703 14.36 30.04 -2.07
N THR A 704 13.62 30.83 -1.30
CA THR A 704 13.47 32.26 -1.56
C THR A 704 14.16 33.06 -0.46
N ALA A 705 14.43 34.32 -0.77
CA ALA A 705 15.15 35.18 0.18
C ALA A 705 14.40 35.29 1.50
N SER A 706 13.08 35.17 1.48
CA SER A 706 12.29 35.29 2.71
C SER A 706 12.73 34.27 3.74
N THR A 707 13.29 33.14 3.31
CA THR A 707 13.76 32.14 4.26
C THR A 707 14.86 32.70 5.15
N PHE A 708 15.79 33.47 4.57
CA PHE A 708 16.89 34.05 5.33
C PHE A 708 16.51 35.34 6.05
N GLN A 709 15.35 35.92 5.76
CA GLN A 709 14.95 37.16 6.42
C GLN A 709 14.61 36.89 7.88
N ASP A 710 14.97 37.85 8.74
CA ASP A 710 14.73 37.74 10.18
C ASP A 710 15.41 36.49 10.74
N VAL A 711 16.74 36.46 10.61
CA VAL A 711 17.56 35.34 11.05
C VAL A 711 18.54 35.86 12.10
N SER A 712 18.61 35.15 13.22
CA SER A 712 19.54 35.49 14.31
C SER A 712 20.60 34.41 14.39
N ARG A 713 21.85 34.79 14.12
CA ARG A 713 22.99 33.89 14.23
C ARG A 713 23.70 34.00 15.56
N LYS A 714 23.18 34.81 16.49
CA LYS A 714 23.85 35.06 17.76
C LYS A 714 23.47 33.97 18.77
N ASP A 715 24.46 33.51 19.53
CA ASP A 715 24.24 32.54 20.58
C ASP A 715 24.01 33.27 21.89
N ILE A 716 22.79 33.20 22.41
CA ILE A 716 22.47 33.85 23.68
C ILE A 716 23.00 33.08 24.87
N PHE A 717 23.44 31.83 24.66
CA PHE A 717 24.04 31.04 25.72
C PHE A 717 25.56 31.16 25.76
N SER A 718 26.16 31.88 24.82
CA SER A 718 27.61 32.01 24.73
C SER A 718 27.96 33.41 24.27
N ASN A 719 29.27 33.64 24.09
CA ASN A 719 29.79 34.94 23.68
C ASN A 719 30.60 34.87 22.40
N ALA A 720 31.34 33.78 22.16
CA ALA A 720 32.19 33.70 20.98
C ALA A 720 31.36 33.76 19.70
N CYS A 721 30.23 33.06 19.66
CA CYS A 721 29.42 33.05 18.45
C CYS A 721 28.90 34.44 18.11
N ASP A 722 28.74 35.31 19.11
CA ASP A 722 28.24 36.65 18.84
C ASP A 722 29.20 37.42 17.93
N ALA A 723 30.51 37.30 18.18
CA ALA A 723 31.47 37.95 17.31
C ALA A 723 31.41 37.37 15.89
N VAL A 724 31.27 36.05 15.78
CA VAL A 724 31.18 35.43 14.46
C VAL A 724 29.93 35.92 13.73
N ALA A 725 28.81 36.00 14.44
CA ALA A 725 27.57 36.46 13.80
C ALA A 725 27.71 37.88 13.29
N SER A 726 28.33 38.76 14.07
CA SER A 726 28.49 40.15 13.69
C SER A 726 29.35 40.28 12.43
N PRO A 730 22.07 35.11 5.85
CA PRO A 730 23.49 34.81 5.66
C PRO A 730 23.73 33.93 4.41
N THR A 731 24.93 33.36 4.32
CA THR A 731 25.26 32.54 3.16
C THR A 731 24.34 31.34 3.05
N TYR A 732 24.11 30.64 4.16
CA TYR A 732 23.29 29.44 4.14
C TYR A 732 22.63 29.24 5.49
N LEU A 733 21.57 28.44 5.48
CA LEU A 733 20.85 28.05 6.69
C LEU A 733 20.82 26.54 6.77
N TYR A 734 20.28 26.03 7.86
CA TYR A 734 20.15 24.60 8.09
C TYR A 734 18.69 24.25 8.36
N ARG A 735 18.24 23.14 7.77
CA ARG A 735 16.88 22.66 7.93
C ARG A 735 16.93 21.17 8.24
N VAL A 736 16.11 20.74 9.19
CA VAL A 736 16.00 19.32 9.53
C VAL A 736 14.86 18.72 8.71
N VAL A 737 15.15 17.63 8.01
CA VAL A 737 14.15 16.95 7.21
C VAL A 737 13.78 15.59 7.78
N ALA A 738 14.64 14.97 8.58
CA ALA A 738 14.33 13.69 9.19
C ALA A 738 15.13 13.57 10.48
N ILE A 739 14.49 13.06 11.52
CA ILE A 739 15.12 12.86 12.83
C ILE A 739 14.84 11.44 13.27
N ASN A 740 15.90 10.71 13.62
CA ASN A 740 15.77 9.32 14.07
C ASN A 740 14.99 8.49 13.05
N GLY A 741 15.20 8.79 11.78
CA GLY A 741 14.53 8.07 10.70
C GLY A 741 13.12 8.53 10.42
N ARG A 742 12.59 9.50 11.16
CA ARG A 742 11.24 9.99 10.96
C ARG A 742 11.30 11.21 10.06
N ILE A 743 10.97 11.01 8.78
CA ILE A 743 10.99 12.12 7.83
C ILE A 743 9.91 13.12 8.19
N LEU A 744 10.31 14.37 8.38
CA LEU A 744 9.36 15.40 8.76
C LEU A 744 8.49 15.79 7.57
N PRO A 745 7.29 16.29 7.81
CA PRO A 745 6.45 16.79 6.71
C PRO A 745 6.87 18.20 6.30
N ARG A 746 6.34 18.63 5.16
CA ARG A 746 6.62 19.97 4.66
C ARG A 746 6.20 21.00 5.71
N HIS A 747 7.05 21.99 5.93
CA HIS A 747 6.87 22.94 7.04
C HIS A 747 6.86 22.20 8.38
N GLY A 748 7.73 21.21 8.52
CA GLY A 748 7.77 20.40 9.71
C GLY A 748 8.76 20.92 10.76
N SER A 749 8.24 21.35 11.90
CA SER A 749 9.08 21.81 12.99
C SER A 749 9.36 20.68 13.97
N VAL A 750 10.43 20.83 14.74
CA VAL A 750 10.81 19.88 15.76
C VAL A 750 11.20 20.65 17.02
N GLN A 751 10.64 20.24 18.15
CA GLN A 751 10.96 20.83 19.45
C GLN A 751 11.43 19.75 20.40
N ILE A 752 12.47 20.04 21.16
CA ILE A 752 13.02 19.13 22.16
C ILE A 752 12.92 19.80 23.52
N LYS A 753 12.30 19.10 24.46
CA LYS A 753 12.15 19.65 25.81
C LYS A 753 13.51 19.72 26.50
N LYS A 754 13.74 20.83 27.21
CA LYS A 754 15.02 21.02 27.87
C LYS A 754 15.27 19.96 28.92
N HIS A 755 14.25 19.60 29.69
CA HIS A 755 14.39 18.64 30.77
C HIS A 755 14.96 17.32 30.26
N PHE A 770 24.75 23.74 24.95
CA PHE A 770 25.04 22.47 25.59
C PHE A 770 26.55 22.21 25.57
N LYS A 771 26.97 21.14 26.26
CA LYS A 771 28.40 20.88 26.39
C LYS A 771 29.05 20.64 25.02
N MET A 772 28.37 19.90 24.15
CA MET A 772 28.97 19.56 22.86
C MET A 772 29.33 20.81 22.09
N ASP A 773 30.55 20.82 21.55
CA ASP A 773 31.05 22.00 20.86
C ASP A 773 30.34 22.22 19.53
N GLY A 774 30.22 23.48 19.14
CA GLY A 774 29.54 23.84 17.91
C GLY A 774 28.04 23.94 18.01
N ILE A 775 27.46 23.68 19.18
CA ILE A 775 26.03 23.71 19.38
C ILE A 775 25.68 24.98 20.15
N GLY A 776 24.65 25.69 19.69
CA GLY A 776 24.21 26.91 20.33
C GLY A 776 22.71 27.08 20.20
N ILE A 777 22.18 28.02 20.99
CA ILE A 777 20.77 28.34 21.01
C ILE A 777 20.63 29.86 20.92
N ASN A 778 19.71 30.32 20.08
CA ASN A 778 19.51 31.74 19.85
C ASN A 778 18.24 32.23 20.54
N ASP A 779 17.89 33.49 20.28
CA ASP A 779 16.69 34.07 20.91
C ASP A 779 15.44 33.29 20.50
N HIS A 780 15.34 32.91 19.22
CA HIS A 780 14.19 32.12 18.77
C HIS A 780 14.25 30.68 19.24
N SER A 781 15.30 30.28 19.97
CA SER A 781 15.41 28.97 20.58
C SER A 781 15.64 27.87 19.55
N GLN A 782 16.33 28.19 18.46
CA GLN A 782 16.66 27.22 17.43
C GLN A 782 18.12 26.82 17.56
N LEU A 783 18.36 25.51 17.67
CA LEU A 783 19.72 25.02 17.83
C LEU A 783 20.60 25.46 16.66
N MET A 784 21.81 25.91 16.98
CA MET A 784 22.78 26.33 15.97
C MET A 784 23.83 25.24 15.78
N LEU A 785 24.14 24.94 14.52
CA LEU A 785 25.29 24.13 14.17
C LEU A 785 26.25 25.00 13.39
N GLU A 786 27.51 25.06 13.85
CA GLU A 786 28.50 25.94 13.25
C GLU A 786 28.02 27.38 13.28
N CYS A 787 27.35 27.76 14.37
CA CYS A 787 26.79 29.10 14.54
C CYS A 787 25.70 29.40 13.51
N THR A 788 25.17 28.36 12.85
CA THR A 788 24.13 28.53 11.85
C THR A 788 22.81 27.99 12.39
N PRO A 789 21.78 28.82 12.54
CA PRO A 789 20.53 28.33 13.14
C PRO A 789 19.86 27.26 12.28
N ILE A 790 19.19 26.33 12.95
CA ILE A 790 18.36 25.33 12.28
C ILE A 790 16.91 25.81 12.36
N ILE A 791 16.34 26.17 11.21
CA ILE A 791 15.10 26.93 11.21
C ILE A 791 14.00 26.19 11.96
N ASN A 792 13.91 24.87 11.75
CA ASN A 792 12.77 24.11 12.26
C ASN A 792 13.09 23.35 13.55
N LEU A 793 14.35 23.25 13.93
CA LEU A 793 14.71 22.58 15.18
C LEU A 793 14.64 23.59 16.32
N PHE A 794 13.96 23.21 17.41
CA PHE A 794 13.77 24.07 18.56
C PHE A 794 14.25 23.37 19.82
N ILE A 795 14.56 24.16 20.84
CA ILE A 795 14.96 23.66 22.15
C ILE A 795 14.08 24.38 23.17
N VAL A 796 12.99 23.75 23.59
CA VAL A 796 12.08 24.35 24.55
C VAL A 796 12.29 23.75 25.93
N GLN B 24 9.95 3.93 -22.70
CA GLN B 24 10.71 4.79 -23.65
C GLN B 24 11.80 5.54 -22.89
N GLU B 25 12.41 6.53 -23.56
CA GLU B 25 13.46 7.33 -22.96
C GLU B 25 12.97 8.70 -22.51
N ALA B 26 11.69 9.02 -22.74
CA ALA B 26 11.09 10.28 -22.31
C ALA B 26 11.55 11.45 -23.16
N VAL B 27 12.45 11.21 -24.11
CA VAL B 27 12.98 12.24 -24.99
C VAL B 27 12.49 11.94 -26.40
N ALA B 28 11.85 12.92 -27.03
CA ALA B 28 11.33 12.73 -28.36
C ALA B 28 12.48 12.47 -29.34
N PRO B 29 12.29 11.60 -30.34
CA PRO B 29 13.37 11.35 -31.29
C PRO B 29 13.70 12.58 -32.11
N GLU B 30 14.95 12.64 -32.58
CA GLU B 30 15.38 13.79 -33.37
C GLU B 30 14.57 13.91 -34.64
N ASP B 31 14.29 12.79 -35.32
CA ASP B 31 13.48 12.84 -36.54
C ASP B 31 12.05 13.31 -36.24
N SER B 32 11.61 13.20 -35.00
CA SER B 32 10.25 13.61 -34.65
C SER B 32 10.09 15.12 -34.76
N ALA B 33 8.83 15.55 -34.87
CA ALA B 33 8.53 16.97 -34.99
C ALA B 33 8.88 17.75 -33.74
N VAL B 34 9.02 17.07 -32.60
CA VAL B 34 9.28 17.77 -31.35
C VAL B 34 10.57 18.58 -31.48
N VAL B 35 10.61 19.71 -30.77
CA VAL B 35 11.74 20.63 -30.81
C VAL B 35 12.40 20.62 -29.44
N LYS B 36 13.69 20.32 -29.40
CA LYS B 36 14.44 20.36 -28.15
C LYS B 36 14.92 21.78 -27.89
N LEU B 37 14.52 22.34 -26.75
CA LEU B 37 14.82 23.72 -26.40
C LEU B 37 15.78 23.71 -25.23
N ALA B 38 16.91 24.41 -25.39
CA ALA B 38 17.91 24.52 -24.34
C ALA B 38 17.67 25.79 -23.53
N THR B 39 18.56 26.04 -22.57
CA THR B 39 18.43 27.24 -21.74
C THR B 39 18.53 28.50 -22.59
N ASP B 40 19.55 28.57 -23.45
CA ASP B 40 19.76 29.78 -24.24
C ASP B 40 18.73 29.91 -25.36
N SER B 41 18.44 28.80 -26.04
CA SER B 41 17.58 28.85 -27.21
C SER B 41 16.09 28.90 -26.88
N PHE B 42 15.72 28.75 -25.61
CA PHE B 42 14.30 28.74 -25.26
C PHE B 42 13.66 30.10 -25.51
N ASN B 43 14.28 31.17 -25.00
CA ASN B 43 13.68 32.49 -25.11
C ASN B 43 13.52 32.91 -26.57
N GLU B 44 14.56 32.67 -27.38
CA GLU B 44 14.49 33.07 -28.78
C GLU B 44 13.37 32.32 -29.51
N TYR B 45 13.27 31.00 -29.28
CA TYR B 45 12.22 30.23 -29.94
C TYR B 45 10.84 30.68 -29.50
N ILE B 46 10.68 30.95 -28.20
CA ILE B 46 9.38 31.41 -27.71
C ILE B 46 9.02 32.75 -28.35
N GLN B 47 9.99 33.65 -28.45
CA GLN B 47 9.73 34.96 -29.03
C GLN B 47 9.48 34.88 -30.53
N SER B 48 10.01 33.87 -31.21
CA SER B 48 9.87 33.75 -32.66
C SER B 48 8.66 32.91 -33.07
N HIS B 49 7.89 32.38 -32.12
CA HIS B 49 6.74 31.55 -32.43
C HIS B 49 5.56 31.99 -31.56
N ASP B 50 4.37 32.03 -32.16
CA ASP B 50 3.19 32.54 -31.48
C ASP B 50 2.78 31.61 -30.34
N LEU B 51 2.40 30.38 -30.68
CA LEU B 51 1.92 29.40 -29.70
C LEU B 51 2.89 28.25 -29.63
N VAL B 52 3.35 27.93 -28.41
CA VAL B 52 4.33 26.87 -28.20
C VAL B 52 3.99 26.19 -26.87
N LEU B 53 3.69 24.90 -26.93
CA LEU B 53 3.48 24.09 -25.73
C LEU B 53 4.82 23.46 -25.36
N ALA B 54 5.35 23.86 -24.21
CA ALA B 54 6.65 23.41 -23.74
C ALA B 54 6.47 22.38 -22.64
N GLU B 55 7.17 21.26 -22.75
CA GLU B 55 7.15 20.22 -21.73
C GLU B 55 8.47 20.27 -20.97
N PHE B 56 8.39 20.54 -19.68
CA PHE B 56 9.55 20.47 -18.80
C PHE B 56 9.56 19.09 -18.15
N PHE B 57 10.40 18.21 -18.68
CA PHE B 57 10.41 16.81 -18.29
C PHE B 57 11.75 16.47 -17.64
N ALA B 58 11.93 15.18 -17.33
CA ALA B 58 13.17 14.67 -16.82
C ALA B 58 13.31 13.28 -17.39
N PRO B 59 14.50 12.89 -17.88
CA PRO B 59 14.64 11.56 -18.49
C PRO B 59 14.40 10.41 -17.52
N TRP B 60 14.45 10.66 -16.21
CA TRP B 60 14.50 9.55 -15.26
C TRP B 60 13.11 9.08 -14.82
N CYS B 61 12.28 9.98 -14.32
CA CYS B 61 10.99 9.53 -13.79
C CYS B 61 9.99 9.28 -14.91
N GLY B 62 9.20 8.22 -14.74
CA GLY B 62 8.44 7.59 -15.80
C GLY B 62 7.14 8.23 -16.19
N HIS B 63 6.66 9.23 -15.44
CA HIS B 63 5.50 9.97 -15.92
C HIS B 63 5.80 10.60 -17.28
N CYS B 64 6.98 11.21 -17.40
CA CYS B 64 7.40 11.75 -18.68
C CYS B 64 7.67 10.65 -19.69
N LYS B 65 8.13 9.48 -19.24
CA LYS B 65 8.34 8.37 -20.15
C LYS B 65 7.03 7.96 -20.83
N ASN B 66 5.97 7.80 -20.05
CA ASN B 66 4.68 7.47 -20.64
C ASN B 66 4.09 8.66 -21.39
N MET B 67 4.50 9.88 -21.03
CA MET B 67 4.07 11.06 -21.77
C MET B 67 4.66 11.08 -23.17
N ALA B 68 5.91 10.63 -23.32
CA ALA B 68 6.65 10.87 -24.56
C ALA B 68 5.95 10.37 -25.81
N PRO B 69 5.43 9.14 -25.87
CA PRO B 69 4.83 8.69 -27.15
C PRO B 69 3.65 9.52 -27.58
N GLU B 70 2.69 9.76 -26.68
CA GLU B 70 1.53 10.56 -27.03
C GLU B 70 1.93 11.99 -27.33
N TYR B 71 2.94 12.50 -26.61
CA TYR B 71 3.43 13.84 -26.90
C TYR B 71 3.99 13.94 -28.31
N VAL B 72 4.76 12.94 -28.73
CA VAL B 72 5.34 12.94 -30.07
C VAL B 72 4.23 12.84 -31.12
N LYS B 73 3.25 11.98 -30.89
CA LYS B 73 2.14 11.87 -31.83
C LYS B 73 1.39 13.19 -31.95
N ALA B 74 1.15 13.85 -30.81
CA ALA B 74 0.46 15.14 -30.84
C ALA B 74 1.29 16.18 -31.58
N ALA B 75 2.61 16.17 -31.40
CA ALA B 75 3.45 17.11 -32.12
C ALA B 75 3.38 16.87 -33.62
N GLU B 76 3.42 15.60 -34.03
CA GLU B 76 3.30 15.30 -35.45
C GLU B 76 1.97 15.78 -36.00
N THR B 77 0.87 15.56 -35.27
CA THR B 77 -0.43 16.01 -35.75
C THR B 77 -0.50 17.54 -35.80
N LEU B 78 0.08 18.21 -34.80
CA LEU B 78 -0.06 19.67 -34.71
C LEU B 78 0.82 20.40 -35.71
N VAL B 79 1.95 19.81 -36.12
CA VAL B 79 2.83 20.49 -37.06
C VAL B 79 2.07 20.84 -38.34
N GLU B 80 1.13 19.98 -38.73
CA GLU B 80 0.32 20.29 -39.91
C GLU B 80 -0.44 21.59 -39.73
N LYS B 81 -0.85 21.90 -38.50
CA LYS B 81 -1.60 23.11 -38.21
C LYS B 81 -0.72 24.26 -37.72
N ASN B 82 0.60 24.08 -37.76
CA ASN B 82 1.61 25.11 -37.47
C ASN B 82 1.83 25.31 -35.97
N ILE B 83 1.16 24.56 -35.10
CA ILE B 83 1.41 24.66 -33.67
C ILE B 83 2.65 23.84 -33.33
N THR B 84 3.58 24.45 -32.61
CA THR B 84 4.85 23.83 -32.29
C THR B 84 4.82 23.25 -30.88
N LEU B 85 5.43 22.08 -30.71
CA LEU B 85 5.58 21.43 -29.41
C LEU B 85 7.07 21.36 -29.09
N ALA B 86 7.42 21.70 -27.85
CA ALA B 86 8.81 21.79 -27.44
C ALA B 86 9.04 20.91 -26.21
N GLN B 87 10.30 20.54 -26.01
CA GLN B 87 10.72 19.72 -24.88
C GLN B 87 11.90 20.40 -24.20
N ILE B 88 11.81 20.58 -22.89
CA ILE B 88 12.89 21.13 -22.08
C ILE B 88 13.27 20.09 -21.05
N ASP B 89 14.54 19.70 -21.04
CA ASP B 89 15.05 18.72 -20.09
C ASP B 89 15.55 19.46 -18.86
N CYS B 90 14.80 19.39 -17.77
CA CYS B 90 15.17 20.12 -16.57
C CYS B 90 16.51 19.65 -16.01
N THR B 91 16.86 18.38 -16.27
CA THR B 91 18.13 17.88 -15.79
C THR B 91 19.31 18.62 -16.42
N GLU B 92 19.11 19.14 -17.64
CA GLU B 92 20.14 19.92 -18.32
C GLU B 92 19.93 21.41 -18.14
N ASN B 93 18.71 21.89 -18.37
CA ASN B 93 18.40 23.31 -18.28
C ASN B 93 17.79 23.62 -16.91
N GLN B 94 18.63 23.48 -15.87
CA GLN B 94 18.17 23.68 -14.51
C GLN B 94 17.67 25.10 -14.29
N ASP B 95 18.48 26.09 -14.65
CA ASP B 95 18.14 27.48 -14.37
C ASP B 95 16.86 27.88 -15.09
N LEU B 96 16.70 27.45 -16.34
CA LEU B 96 15.45 27.73 -17.06
C LEU B 96 14.26 27.15 -16.30
N CYS B 97 14.41 25.97 -15.73
CA CYS B 97 13.29 25.33 -15.05
C CYS B 97 12.94 26.04 -13.75
N MET B 98 13.94 26.46 -12.98
CA MET B 98 13.60 27.25 -11.79
C MET B 98 12.99 28.59 -12.18
N GLU B 99 13.48 29.20 -13.27
CA GLU B 99 12.97 30.52 -13.64
C GLU B 99 11.47 30.49 -13.91
N HIS B 100 10.94 29.35 -14.36
CA HIS B 100 9.53 29.23 -14.66
C HIS B 100 8.71 28.66 -13.50
N ASN B 101 9.34 28.41 -12.35
CA ASN B 101 8.64 27.88 -11.18
C ASN B 101 7.91 26.59 -11.52
N ILE B 102 8.65 25.64 -12.09
CA ILE B 102 8.09 24.33 -12.43
C ILE B 102 7.84 23.57 -11.14
N PRO B 103 6.62 23.09 -10.87
CA PRO B 103 6.41 22.30 -9.65
C PRO B 103 6.97 20.89 -9.75
N GLY B 104 6.77 20.23 -10.88
CA GLY B 104 7.22 18.87 -11.06
C GLY B 104 7.12 18.49 -12.53
N PHE B 105 7.49 17.24 -12.82
CA PHE B 105 7.52 16.77 -14.18
C PHE B 105 6.48 15.68 -14.41
N PRO B 106 5.86 15.60 -15.58
CA PRO B 106 5.96 16.53 -16.71
C PRO B 106 5.06 17.73 -16.50
N SER B 107 5.55 18.94 -16.72
CA SER B 107 4.77 20.15 -16.57
C SER B 107 4.55 20.73 -17.96
N LEU B 108 3.35 20.57 -18.49
CA LEU B 108 3.00 21.01 -19.83
C LEU B 108 2.53 22.46 -19.74
N LYS B 109 3.37 23.39 -20.16
CA LYS B 109 3.10 24.81 -20.08
C LYS B 109 2.95 25.39 -21.48
N ILE B 110 1.99 26.30 -21.64
CA ILE B 110 1.66 26.90 -22.93
C ILE B 110 2.09 28.36 -22.91
N PHE B 111 2.87 28.74 -23.93
CA PHE B 111 3.30 30.12 -24.11
C PHE B 111 2.62 30.69 -25.34
N LYS B 112 1.97 31.84 -25.19
CA LYS B 112 1.22 32.47 -26.26
C LYS B 112 1.71 33.89 -26.49
N ASN B 113 1.47 34.38 -27.70
CA ASN B 113 1.79 35.76 -28.07
C ASN B 113 3.27 36.08 -27.84
N SER B 114 4.13 35.08 -27.98
CA SER B 114 5.57 35.28 -27.82
C SER B 114 5.89 35.92 -26.46
N ASP B 115 5.17 35.47 -25.43
CA ASP B 115 5.32 36.01 -24.08
C ASP B 115 5.94 34.96 -23.19
N VAL B 116 7.21 35.16 -22.83
CA VAL B 116 7.90 34.22 -21.95
C VAL B 116 7.31 34.29 -20.54
N ASN B 117 6.94 35.49 -20.09
CA ASN B 117 6.41 35.63 -18.74
C ASN B 117 5.10 34.89 -18.57
N ASN B 118 4.16 35.07 -19.49
CA ASN B 118 2.87 34.41 -19.41
C ASN B 118 3.01 32.95 -19.80
N SER B 119 2.49 32.05 -18.97
CA SER B 119 2.59 30.61 -19.24
C SER B 119 1.38 29.93 -18.62
N ILE B 120 0.42 29.54 -19.47
CA ILE B 120 -0.72 28.76 -18.98
C ILE B 120 -0.30 27.32 -18.75
N ASP B 121 -1.03 26.63 -17.88
CA ASP B 121 -0.75 25.26 -17.52
C ASP B 121 -1.77 24.34 -18.16
N TYR B 122 -1.29 23.31 -18.84
CA TYR B 122 -2.17 22.29 -19.41
C TYR B 122 -2.79 21.48 -18.29
N GLU B 123 -4.05 21.09 -18.47
CA GLU B 123 -4.81 20.42 -17.43
C GLU B 123 -5.48 19.12 -17.85
N GLY B 124 -5.81 18.94 -19.14
CA GLY B 124 -6.54 17.78 -19.56
C GLY B 124 -5.72 16.51 -19.42
N PRO B 125 -6.25 15.42 -19.97
CA PRO B 125 -5.52 14.14 -19.94
C PRO B 125 -4.25 14.20 -20.78
N ARG B 126 -3.30 13.33 -20.45
CA ARG B 126 -2.03 13.25 -21.17
C ARG B 126 -2.14 12.24 -22.30
N THR B 127 -2.97 12.59 -23.29
CA THR B 127 -3.15 11.77 -24.48
C THR B 127 -3.00 12.65 -25.72
N ALA B 128 -2.52 12.03 -26.81
CA ALA B 128 -2.29 12.79 -28.03
C ALA B 128 -3.55 13.51 -28.47
N GLU B 129 -4.69 12.85 -28.42
CA GLU B 129 -5.95 13.48 -28.82
C GLU B 129 -6.26 14.66 -27.90
N ALA B 130 -6.10 14.48 -26.59
CA ALA B 130 -6.40 15.55 -25.64
C ALA B 130 -5.47 16.74 -25.84
N ILE B 131 -4.18 16.47 -25.99
CA ILE B 131 -3.22 17.55 -26.20
C ILE B 131 -3.51 18.28 -27.49
N VAL B 132 -3.81 17.54 -28.56
CA VAL B 132 -4.09 18.16 -29.85
C VAL B 132 -5.32 19.06 -29.74
N GLN B 133 -6.39 18.56 -29.11
CA GLN B 133 -7.59 19.37 -28.96
C GLN B 133 -7.31 20.62 -28.13
N PHE B 134 -6.58 20.47 -27.03
CA PHE B 134 -6.26 21.60 -26.18
C PHE B 134 -5.48 22.66 -26.93
N MET B 135 -4.47 22.24 -27.70
CA MET B 135 -3.65 23.20 -28.43
C MET B 135 -4.43 23.86 -29.54
N ILE B 136 -5.26 23.10 -30.25
CA ILE B 136 -6.10 23.69 -31.29
C ILE B 136 -7.02 24.74 -30.69
N LYS B 137 -7.61 24.44 -29.53
CA LYS B 137 -8.44 25.43 -28.86
C LYS B 137 -7.64 26.66 -28.47
N GLN B 138 -6.43 26.46 -27.95
CA GLN B 138 -5.59 27.59 -27.57
C GLN B 138 -5.28 28.48 -28.76
N SER B 139 -5.09 27.87 -29.94
CA SER B 139 -4.80 28.65 -31.13
C SER B 139 -5.96 29.58 -31.48
N GLN B 140 -7.19 29.08 -31.39
CA GLN B 140 -8.36 29.88 -31.74
C GLN B 140 -8.63 30.92 -30.67
N PRO B 141 -9.38 31.97 -30.99
CA PRO B 141 -9.79 32.93 -29.96
C PRO B 141 -10.79 32.32 -29.01
N ALA B 142 -10.93 32.96 -27.84
CA ALA B 142 -11.82 32.44 -26.81
C ALA B 142 -13.24 32.26 -27.35
N VAL B 143 -13.75 33.25 -28.07
CA VAL B 143 -15.08 33.21 -28.66
C VAL B 143 -14.93 33.34 -30.17
N ALA B 144 -15.55 32.44 -30.91
CA ALA B 144 -15.51 32.44 -32.37
C ALA B 144 -16.74 33.13 -32.91
N VAL B 145 -16.54 34.09 -33.80
CA VAL B 145 -17.62 34.84 -34.43
C VAL B 145 -17.85 34.24 -35.82
N VAL B 146 -19.07 33.78 -36.07
CA VAL B 146 -19.43 33.09 -37.30
C VAL B 146 -20.63 33.80 -37.90
N ALA B 147 -20.56 34.09 -39.21
CA ALA B 147 -21.68 34.75 -39.88
C ALA B 147 -22.90 33.87 -39.91
N ASP B 148 -22.74 32.59 -40.27
CA ASP B 148 -23.83 31.64 -40.37
C ASP B 148 -23.54 30.44 -39.47
N LEU B 149 -24.44 30.20 -38.51
CA LEU B 149 -24.21 29.11 -37.56
C LEU B 149 -24.18 27.74 -38.24
N PRO B 150 -25.16 27.34 -39.05
CA PRO B 150 -25.13 25.98 -39.60
C PRO B 150 -23.88 25.68 -40.40
N ALA B 151 -23.38 26.65 -41.16
CA ALA B 151 -22.16 26.43 -41.94
C ALA B 151 -20.99 26.10 -41.03
N TYR B 152 -20.83 26.85 -39.94
CA TYR B 152 -19.75 26.57 -39.01
C TYR B 152 -19.94 25.23 -38.33
N LEU B 153 -21.17 24.90 -37.95
CA LEU B 153 -21.43 23.64 -37.28
C LEU B 153 -21.08 22.46 -38.19
N ALA B 154 -21.46 22.54 -39.46
CA ALA B 154 -21.19 21.43 -40.38
C ALA B 154 -19.73 21.40 -40.80
N ASN B 155 -19.06 22.56 -40.81
CA ASN B 155 -17.68 22.61 -41.32
C ASN B 155 -16.74 21.74 -40.49
N GLU B 156 -16.86 21.81 -39.17
CA GLU B 156 -15.94 21.12 -38.28
C GLU B 156 -16.72 20.33 -37.24
N THR B 157 -16.33 19.08 -37.04
CA THR B 157 -16.90 18.27 -35.97
C THR B 157 -16.33 18.72 -34.63
N PHE B 158 -17.18 18.67 -33.60
CA PHE B 158 -16.83 19.13 -32.27
C PHE B 158 -16.75 17.97 -31.30
N VAL B 159 -15.78 18.04 -30.39
CA VAL B 159 -15.63 17.04 -29.34
C VAL B 159 -16.07 17.54 -27.97
N THR B 160 -16.43 18.80 -27.86
CA THR B 160 -16.92 19.40 -26.62
C THR B 160 -18.19 20.18 -26.90
N PRO B 161 -19.02 20.41 -25.88
CA PRO B 161 -20.26 21.15 -26.12
C PRO B 161 -20.00 22.54 -26.66
N VAL B 162 -20.89 22.99 -27.53
CA VAL B 162 -20.80 24.31 -28.16
C VAL B 162 -21.89 25.20 -27.59
N ILE B 163 -21.50 26.32 -27.01
CA ILE B 163 -22.43 27.30 -26.46
C ILE B 163 -22.50 28.46 -27.44
N VAL B 164 -23.71 28.80 -27.85
CA VAL B 164 -23.92 29.80 -28.91
C VAL B 164 -24.85 30.88 -28.36
N GLN B 165 -24.41 32.13 -28.45
CA GLN B 165 -25.25 33.28 -28.12
C GLN B 165 -25.78 33.91 -29.42
N SER B 166 -26.76 33.22 -30.00
CA SER B 166 -27.37 33.70 -31.22
C SER B 166 -28.29 34.90 -30.94
N GLY B 167 -28.53 35.70 -31.98
CA GLY B 167 -29.44 36.81 -31.89
C GLY B 167 -28.83 38.04 -31.25
N LYS B 168 -29.65 39.07 -31.12
CA LYS B 168 -29.21 40.32 -30.51
C LYS B 168 -28.71 40.07 -29.09
N ILE B 169 -27.58 40.66 -28.75
CA ILE B 169 -26.90 40.42 -27.48
C ILE B 169 -26.85 41.71 -26.69
N ASP B 170 -27.32 41.65 -25.44
CA ASP B 170 -27.20 42.79 -24.55
C ASP B 170 -25.74 42.98 -24.12
N ALA B 171 -25.37 44.24 -23.85
CA ALA B 171 -23.98 44.55 -23.54
C ALA B 171 -23.51 43.79 -22.31
N ASP B 172 -24.30 43.82 -21.23
CA ASP B 172 -23.90 43.13 -20.01
C ASP B 172 -23.87 41.62 -20.23
N PHE B 173 -24.85 41.08 -20.95
CA PHE B 173 -24.83 39.66 -21.27
C PHE B 173 -23.64 39.32 -22.16
N ASN B 174 -23.32 40.20 -23.11
CA ASN B 174 -22.13 39.97 -23.93
C ASN B 174 -20.88 39.90 -23.07
N ALA B 175 -20.75 40.83 -22.12
CA ALA B 175 -19.57 40.85 -21.25
C ALA B 175 -19.49 39.59 -20.41
N THR B 176 -20.61 39.18 -19.79
CA THR B 176 -20.57 37.99 -18.94
C THR B 176 -20.33 36.74 -19.77
N PHE B 177 -20.87 36.70 -21.00
CA PHE B 177 -20.63 35.57 -21.89
C PHE B 177 -19.16 35.45 -22.21
N TYR B 178 -18.51 36.56 -22.56
CA TYR B 178 -17.09 36.51 -22.86
C TYR B 178 -16.27 36.17 -21.61
N SER B 179 -16.68 36.68 -20.44
CA SER B 179 -15.98 36.34 -19.21
C SER B 179 -16.07 34.85 -18.93
N MET B 180 -17.25 34.25 -19.13
CA MET B 180 -17.39 32.82 -18.94
C MET B 180 -16.55 32.05 -19.95
N ALA B 181 -16.54 32.51 -21.21
CA ALA B 181 -15.73 31.86 -22.23
C ALA B 181 -14.27 31.84 -21.83
N ASN B 182 -13.77 32.96 -21.30
CA ASN B 182 -12.40 32.98 -20.79
C ASN B 182 -12.26 32.03 -19.61
N LYS B 183 -13.25 31.99 -18.71
CA LYS B 183 -13.20 31.10 -17.56
C LYS B 183 -13.24 29.64 -18.00
N HIS B 184 -14.14 29.31 -18.91
CA HIS B 184 -14.33 27.94 -19.39
C HIS B 184 -13.72 27.74 -20.77
N PHE B 185 -12.56 28.35 -21.00
CA PHE B 185 -11.90 28.21 -22.29
C PHE B 185 -11.69 26.74 -22.66
N ASN B 186 -11.20 25.95 -21.70
CA ASN B 186 -10.87 24.56 -22.01
C ASN B 186 -12.08 23.64 -21.88
N ASP B 187 -13.08 24.01 -21.07
CA ASP B 187 -14.22 23.14 -20.86
C ASP B 187 -15.07 23.02 -22.11
N TYR B 188 -15.41 24.16 -22.73
CA TYR B 188 -16.28 24.17 -23.89
C TYR B 188 -15.71 25.14 -24.92
N ASP B 189 -16.32 25.15 -26.11
CA ASP B 189 -16.02 26.11 -27.15
C ASP B 189 -17.23 27.02 -27.33
N PHE B 190 -17.00 28.32 -27.25
CA PHE B 190 -18.05 29.32 -27.31
C PHE B 190 -18.09 29.94 -28.70
N VAL B 191 -19.29 30.15 -29.23
CA VAL B 191 -19.51 30.71 -30.56
C VAL B 191 -20.49 31.86 -30.42
N SER B 192 -20.23 32.95 -31.15
CA SER B 192 -21.08 34.13 -31.14
C SER B 192 -21.56 34.41 -32.55
N ALA B 193 -22.86 34.28 -32.78
CA ALA B 193 -23.47 34.55 -34.07
C ALA B 193 -24.58 35.56 -33.87
N GLU B 194 -24.22 36.84 -33.91
CA GLU B 194 -25.16 37.93 -33.65
C GLU B 194 -25.94 38.25 -34.92
N ASN B 195 -27.27 38.22 -34.80
CA ASN B 195 -28.16 38.60 -35.89
C ASN B 195 -29.16 39.62 -35.34
N ALA B 196 -29.27 40.75 -36.02
CA ALA B 196 -30.12 41.83 -35.52
C ALA B 196 -31.58 41.40 -35.48
N ASP B 197 -32.08 40.81 -36.57
CA ASP B 197 -33.50 40.49 -36.65
C ASP B 197 -33.86 39.37 -35.67
N ASP B 198 -33.10 38.28 -35.66
CA ASP B 198 -33.45 37.14 -34.83
C ASP B 198 -33.29 37.47 -33.36
N ASP B 199 -34.22 36.96 -32.55
CA ASP B 199 -34.20 37.22 -31.12
C ASP B 199 -33.07 36.45 -30.44
N PHE B 200 -32.67 36.93 -29.28
CA PHE B 200 -31.61 36.28 -28.51
C PHE B 200 -31.99 34.83 -28.21
N LYS B 201 -31.03 33.92 -28.42
CA LYS B 201 -31.26 32.49 -28.20
C LYS B 201 -29.95 31.84 -27.76
N LEU B 202 -29.77 31.72 -26.46
CA LEU B 202 -28.63 30.98 -25.93
C LEU B 202 -28.89 29.48 -26.06
N SER B 203 -27.87 28.74 -26.47
CA SER B 203 -28.04 27.32 -26.76
C SER B 203 -26.77 26.56 -26.44
N ILE B 204 -26.92 25.26 -26.24
CA ILE B 204 -25.79 24.34 -26.04
C ILE B 204 -25.98 23.16 -26.98
N TYR B 205 -24.94 22.84 -27.73
CA TYR B 205 -24.96 21.72 -28.67
C TYR B 205 -24.10 20.59 -28.11
N LEU B 206 -24.74 19.54 -27.64
CA LEU B 206 -24.01 18.40 -27.12
C LEU B 206 -23.42 17.61 -28.27
N PRO B 207 -22.12 17.27 -28.24
CA PRO B 207 -21.54 16.51 -29.36
C PRO B 207 -22.25 15.19 -29.62
N SER B 208 -22.74 14.53 -28.57
CA SER B 208 -23.43 13.25 -28.76
C SER B 208 -24.66 13.41 -29.64
N ALA B 209 -25.43 14.48 -29.42
CA ALA B 209 -26.63 14.78 -30.21
C ALA B 209 -26.49 16.20 -30.76
N MET B 210 -25.84 16.33 -31.91
CA MET B 210 -25.65 17.66 -32.51
C MET B 210 -26.97 18.23 -33.02
N ASP B 211 -27.94 17.38 -33.30
CA ASP B 211 -29.22 17.86 -33.82
C ASP B 211 -30.02 18.60 -32.75
N GLU B 212 -29.91 18.16 -31.50
CA GLU B 212 -30.74 18.66 -30.41
C GLU B 212 -30.02 19.76 -29.65
N PRO B 213 -30.44 21.03 -29.76
CA PRO B 213 -29.85 22.07 -28.92
C PRO B 213 -30.62 22.29 -27.63
N VAL B 214 -29.87 22.54 -26.56
CA VAL B 214 -30.45 22.76 -25.23
C VAL B 214 -30.70 24.26 -25.11
N VAL B 215 -31.86 24.69 -25.60
CA VAL B 215 -32.22 26.10 -25.52
C VAL B 215 -32.53 26.47 -24.08
N TYR B 216 -32.21 27.72 -23.72
CA TYR B 216 -32.44 28.24 -22.39
C TYR B 216 -33.81 28.89 -22.33
N ASN B 217 -34.62 28.47 -21.35
CA ASN B 217 -35.99 28.94 -21.23
C ASN B 217 -36.19 29.93 -20.10
N GLY B 218 -35.18 30.17 -19.26
CA GLY B 218 -35.31 31.10 -18.17
C GLY B 218 -35.35 32.54 -18.64
N LYS B 219 -35.63 33.43 -17.70
CA LYS B 219 -35.72 34.85 -18.04
C LYS B 219 -34.35 35.40 -18.41
N LYS B 220 -34.36 36.50 -19.17
CA LYS B 220 -33.12 37.03 -19.74
C LYS B 220 -32.28 37.74 -18.68
N ALA B 221 -32.94 38.27 -17.64
CA ALA B 221 -32.22 39.10 -16.67
C ALA B 221 -31.22 38.28 -15.86
N ASP B 222 -31.67 37.16 -15.29
CA ASP B 222 -30.82 36.44 -14.35
C ASP B 222 -29.66 35.76 -15.05
N ILE B 223 -29.88 35.23 -16.26
CA ILE B 223 -28.82 34.52 -16.96
C ILE B 223 -27.62 35.42 -17.17
N ALA B 224 -27.83 36.73 -17.29
CA ALA B 224 -26.71 37.65 -17.40
C ALA B 224 -25.77 37.53 -16.21
N ASP B 225 -26.29 37.09 -15.06
CA ASP B 225 -25.43 36.89 -13.90
C ASP B 225 -24.43 35.76 -14.17
N ALA B 226 -23.21 35.95 -13.68
CA ALA B 226 -22.18 34.95 -13.90
C ALA B 226 -22.55 33.63 -13.23
N ASP B 227 -23.08 33.69 -12.00
CA ASP B 227 -23.41 32.47 -11.28
C ASP B 227 -24.48 31.67 -12.00
N VAL B 228 -25.52 32.35 -12.50
CA VAL B 228 -26.62 31.64 -13.15
C VAL B 228 -26.12 30.94 -14.41
N PHE B 229 -25.32 31.64 -15.22
CA PHE B 229 -24.78 31.04 -16.42
C PHE B 229 -23.85 29.87 -16.08
N GLU B 230 -23.02 30.04 -15.05
CA GLU B 230 -22.14 28.96 -14.63
C GLU B 230 -22.94 27.72 -14.24
N LYS B 231 -24.00 27.90 -13.45
CA LYS B 231 -24.81 26.77 -13.03
C LYS B 231 -25.49 26.13 -14.23
N TRP B 232 -26.04 26.94 -15.15
CA TRP B 232 -26.73 26.37 -16.30
C TRP B 232 -25.77 25.55 -17.15
N LEU B 233 -24.55 26.05 -17.34
CA LEU B 233 -23.56 25.27 -18.09
C LEU B 233 -23.21 23.99 -17.35
N GLN B 234 -22.89 24.09 -16.06
CA GLN B 234 -22.48 22.92 -15.31
C GLN B 234 -23.57 21.85 -15.30
N VAL B 235 -24.83 22.25 -15.40
CA VAL B 235 -25.93 21.29 -15.39
C VAL B 235 -26.20 20.73 -16.77
N GLU B 236 -26.31 21.60 -17.78
CA GLU B 236 -26.78 21.21 -19.10
C GLU B 236 -25.65 20.95 -20.09
N ALA B 237 -24.39 21.02 -19.66
CA ALA B 237 -23.26 20.77 -20.54
C ALA B 237 -22.74 19.35 -20.44
N LEU B 238 -23.54 18.43 -19.89
CA LEU B 238 -23.13 17.05 -19.73
C LEU B 238 -23.90 16.15 -20.69
N PRO B 239 -23.29 15.11 -21.24
CA PRO B 239 -24.05 14.20 -22.10
C PRO B 239 -25.18 13.53 -21.34
N TYR B 240 -26.29 13.29 -22.03
CA TYR B 240 -27.46 12.73 -21.38
C TYR B 240 -27.14 11.39 -20.73
N PHE B 241 -26.49 10.50 -21.47
CA PHE B 241 -26.12 9.19 -20.99
C PHE B 241 -24.70 8.84 -21.42
N GLY B 242 -23.79 9.80 -21.28
CA GLY B 242 -22.45 9.63 -21.77
C GLY B 242 -21.71 8.54 -21.01
N GLU B 243 -20.54 8.19 -21.54
CA GLU B 243 -19.69 7.17 -20.94
C GLU B 243 -18.82 7.83 -19.87
N ILE B 244 -18.97 7.39 -18.63
CA ILE B 244 -18.25 8.00 -17.52
C ILE B 244 -16.84 7.39 -17.46
N ASP B 245 -15.89 8.21 -17.05
CA ASP B 245 -14.51 7.79 -16.89
C ASP B 245 -13.84 8.79 -15.96
N GLY B 246 -12.66 8.42 -15.46
CA GLY B 246 -11.96 9.31 -14.54
C GLY B 246 -11.73 10.69 -15.12
N SER B 247 -11.42 10.75 -16.42
CA SER B 247 -11.14 12.04 -17.05
C SER B 247 -12.38 12.94 -17.04
N VAL B 248 -13.54 12.38 -17.35
CA VAL B 248 -14.76 13.18 -17.47
C VAL B 248 -15.52 13.17 -16.15
N PHE B 249 -14.91 12.59 -15.11
CA PHE B 249 -15.58 12.57 -13.81
C PHE B 249 -15.70 13.97 -13.22
N ALA B 250 -14.69 14.81 -13.39
CA ALA B 250 -14.73 16.15 -12.82
C ALA B 250 -15.94 16.93 -13.33
N GLN B 251 -16.32 16.70 -14.58
CA GLN B 251 -17.48 17.40 -15.13
C GLN B 251 -18.75 17.08 -14.34
N TYR B 252 -18.94 15.80 -14.01
CA TYR B 252 -20.11 15.40 -13.24
C TYR B 252 -20.00 15.84 -11.79
N VAL B 253 -18.79 15.83 -11.23
CA VAL B 253 -18.61 16.29 -9.85
C VAL B 253 -18.98 17.77 -9.73
N GLU B 254 -18.53 18.58 -10.69
CA GLU B 254 -18.77 20.02 -10.62
C GLU B 254 -20.26 20.33 -10.67
N SER B 255 -21.03 19.52 -11.40
CA SER B 255 -22.46 19.79 -11.52
C SER B 255 -23.15 19.76 -10.16
N GLY B 256 -22.69 18.88 -9.27
CA GLY B 256 -23.23 18.78 -7.93
C GLY B 256 -24.44 17.89 -7.79
N LEU B 257 -24.97 17.38 -8.89
CA LEU B 257 -26.12 16.48 -8.83
C LEU B 257 -25.68 15.06 -8.49
N PRO B 258 -26.59 14.22 -8.01
CA PRO B 258 -26.26 12.81 -7.80
C PRO B 258 -25.97 12.13 -9.13
N LEU B 259 -25.09 11.14 -9.09
CA LEU B 259 -24.65 10.42 -10.28
C LEU B 259 -25.16 9.00 -10.26
N GLY B 260 -25.84 8.60 -11.33
CA GLY B 260 -26.35 7.25 -11.45
C GLY B 260 -25.55 6.42 -12.43
N TYR B 261 -24.74 5.50 -11.93
CA TYR B 261 -23.87 4.68 -12.78
C TYR B 261 -24.63 3.48 -13.33
N LEU B 262 -24.24 3.06 -14.53
CA LEU B 262 -24.69 1.81 -15.12
C LEU B 262 -23.47 1.02 -15.55
N PHE B 263 -23.24 -0.12 -14.90
CA PHE B 263 -22.18 -1.03 -15.30
C PHE B 263 -22.74 -2.00 -16.32
N TYR B 264 -22.04 -2.18 -17.44
CA TYR B 264 -22.45 -3.13 -18.47
C TYR B 264 -21.26 -3.97 -18.90
N ASN B 265 -21.52 -5.26 -19.15
CA ASN B 265 -20.45 -6.18 -19.47
C ASN B 265 -19.93 -5.99 -20.89
N ASP B 266 -20.84 -5.77 -21.84
CA ASP B 266 -20.46 -5.69 -23.25
C ASP B 266 -21.30 -4.63 -23.94
N GLU B 267 -20.89 -4.27 -25.16
CA GLU B 267 -21.59 -3.23 -25.90
C GLU B 267 -23.04 -3.60 -26.15
N GLU B 268 -23.33 -4.90 -26.33
CA GLU B 268 -24.71 -5.32 -26.54
C GLU B 268 -25.58 -4.98 -25.32
N GLU B 269 -25.04 -5.19 -24.13
CA GLU B 269 -25.77 -4.85 -22.91
C GLU B 269 -26.02 -3.34 -22.83
N LEU B 270 -25.01 -2.54 -23.20
CA LEU B 270 -25.18 -1.09 -23.20
C LEU B 270 -26.26 -0.67 -24.18
N GLU B 271 -26.27 -1.28 -25.37
CA GLU B 271 -27.32 -0.94 -26.34
C GLU B 271 -28.68 -1.40 -25.85
N GLU B 272 -28.74 -2.50 -25.11
CA GLU B 272 -30.00 -2.94 -24.53
C GLU B 272 -30.53 -1.93 -23.52
N TYR B 273 -29.64 -1.37 -22.69
CA TYR B 273 -30.06 -0.47 -21.63
C TYR B 273 -30.09 1.00 -22.04
N LYS B 274 -29.61 1.34 -23.23
CA LYS B 274 -29.52 2.74 -23.61
C LYS B 274 -30.87 3.44 -23.67
N PRO B 275 -31.92 2.88 -24.28
CA PRO B 275 -33.18 3.64 -24.39
C PRO B 275 -33.73 4.09 -23.05
N LEU B 276 -33.86 3.16 -22.10
CA LEU B 276 -34.45 3.50 -20.81
C LEU B 276 -33.63 4.56 -20.09
N PHE B 277 -32.31 4.41 -20.08
CA PHE B 277 -31.47 5.34 -19.33
C PHE B 277 -31.41 6.70 -20.01
N THR B 278 -31.45 6.73 -21.34
CA THR B 278 -31.55 8.01 -22.03
C THR B 278 -32.85 8.71 -21.69
N GLU B 279 -33.96 7.97 -21.66
CA GLU B 279 -35.24 8.57 -21.28
C GLU B 279 -35.18 9.10 -19.86
N LEU B 280 -34.59 8.34 -18.93
CA LEU B 280 -34.48 8.80 -17.56
C LEU B 280 -33.63 10.05 -17.45
N ALA B 281 -32.48 10.07 -18.12
CA ALA B 281 -31.60 11.23 -18.05
C ALA B 281 -32.28 12.46 -18.62
N LYS B 282 -32.98 12.32 -19.74
CA LYS B 282 -33.71 13.46 -20.29
C LYS B 282 -34.81 13.91 -19.34
N LYS B 283 -35.54 12.97 -18.75
CA LYS B 283 -36.64 13.32 -17.87
C LYS B 283 -36.14 13.91 -16.55
N ASN B 284 -35.10 13.32 -15.97
CA ASN B 284 -34.55 13.77 -14.70
C ASN B 284 -33.47 14.83 -14.88
N ARG B 285 -33.48 15.55 -16.00
CA ARG B 285 -32.48 16.58 -16.23
C ARG B 285 -32.62 17.68 -15.20
N GLY B 286 -31.49 18.10 -14.62
CA GLY B 286 -31.48 19.08 -13.58
C GLY B 286 -31.61 18.52 -12.17
N LEU B 287 -31.89 17.24 -12.03
CA LEU B 287 -31.99 16.58 -10.73
C LEU B 287 -30.81 15.67 -10.46
N MET B 288 -30.52 14.73 -11.36
CA MET B 288 -29.40 13.81 -11.21
C MET B 288 -28.87 13.44 -12.58
N ASN B 289 -27.64 12.92 -12.59
CA ASN B 289 -26.95 12.57 -13.82
C ASN B 289 -26.82 11.06 -13.93
N PHE B 290 -27.07 10.53 -15.13
CA PHE B 290 -26.94 9.11 -15.41
C PHE B 290 -25.79 8.91 -16.39
N VAL B 291 -24.94 7.92 -16.11
CA VAL B 291 -23.79 7.61 -16.96
C VAL B 291 -23.68 6.11 -17.12
N SER B 292 -22.90 5.71 -18.13
CA SER B 292 -22.60 4.32 -18.41
C SER B 292 -21.12 4.10 -18.17
N ILE B 293 -20.79 3.11 -17.35
CA ILE B 293 -19.41 2.80 -17.00
C ILE B 293 -19.11 1.39 -17.45
N ASP B 294 -18.02 1.21 -18.19
CA ASP B 294 -17.66 -0.11 -18.71
C ASP B 294 -17.18 -0.98 -17.55
N ALA B 295 -17.97 -2.00 -17.21
CA ALA B 295 -17.61 -2.87 -16.11
C ALA B 295 -16.26 -3.54 -16.36
N ARG B 296 -16.02 -3.98 -17.59
CA ARG B 296 -14.75 -4.60 -17.94
C ARG B 296 -13.59 -3.67 -17.59
N LYS B 297 -13.70 -2.39 -17.96
CA LYS B 297 -12.65 -1.44 -17.65
C LYS B 297 -12.70 -1.04 -16.18
N PHE B 298 -13.89 -0.81 -15.63
CA PHE B 298 -14.05 -0.34 -14.26
C PHE B 298 -15.01 -1.27 -13.53
N GLY B 299 -14.48 -2.37 -13.00
CA GLY B 299 -15.23 -3.22 -12.09
C GLY B 299 -15.04 -2.83 -10.64
N ARG B 300 -13.82 -2.42 -10.29
CA ARG B 300 -13.54 -2.01 -8.92
C ARG B 300 -14.33 -0.79 -8.49
N HIS B 301 -14.75 0.04 -9.46
CA HIS B 301 -15.61 1.16 -9.12
C HIS B 301 -16.91 0.68 -8.49
N ALA B 302 -17.40 -0.49 -8.89
CA ALA B 302 -18.59 -1.04 -8.26
C ALA B 302 -18.36 -1.29 -6.77
N GLY B 303 -17.21 -1.86 -6.43
CA GLY B 303 -16.88 -2.01 -5.02
C GLY B 303 -16.76 -0.66 -4.32
N ASN B 304 -16.15 0.31 -4.98
CA ASN B 304 -16.07 1.65 -4.40
C ASN B 304 -17.44 2.30 -4.24
N LEU B 305 -18.47 1.80 -4.92
CA LEU B 305 -19.82 2.30 -4.79
C LEU B 305 -20.64 1.51 -3.77
N ASN B 306 -19.98 0.71 -2.93
CA ASN B 306 -20.67 -0.11 -1.93
C ASN B 306 -21.64 -1.09 -2.59
N MET B 307 -21.25 -1.61 -3.75
CA MET B 307 -22.04 -2.63 -4.44
C MET B 307 -21.10 -3.75 -4.88
N LYS B 308 -21.63 -4.96 -4.92
CA LYS B 308 -20.83 -6.12 -5.30
C LYS B 308 -20.68 -6.20 -6.81
N GLU B 309 -19.57 -6.79 -7.26
CA GLU B 309 -19.24 -6.87 -8.68
C GLU B 309 -20.11 -7.93 -9.33
N GLN B 310 -21.34 -7.53 -9.65
CA GLN B 310 -22.32 -8.40 -10.31
C GLN B 310 -23.02 -7.56 -11.37
N PHE B 311 -22.50 -7.59 -12.58
CA PHE B 311 -22.94 -6.69 -13.64
C PHE B 311 -23.92 -7.37 -14.57
N PRO B 312 -24.85 -6.62 -15.18
CA PRO B 312 -25.07 -5.17 -15.09
C PRO B 312 -25.52 -4.72 -13.71
N LEU B 313 -25.26 -3.45 -13.38
CA LEU B 313 -25.44 -2.97 -12.01
C LEU B 313 -25.69 -1.47 -12.05
N PHE B 314 -26.83 -1.06 -11.49
CA PHE B 314 -27.20 0.35 -11.42
C PHE B 314 -27.02 0.83 -9.99
N ALA B 315 -26.18 1.85 -9.81
CA ALA B 315 -25.90 2.41 -8.49
C ALA B 315 -25.99 3.92 -8.58
N ILE B 316 -26.70 4.52 -7.62
CA ILE B 316 -26.87 5.96 -7.55
C ILE B 316 -25.96 6.49 -6.45
N HIS B 317 -25.07 7.41 -6.81
CA HIS B 317 -24.12 7.99 -5.87
C HIS B 317 -24.50 9.45 -5.62
N ASP B 318 -24.57 9.82 -4.34
CA ASP B 318 -24.84 11.19 -3.93
C ASP B 318 -23.54 11.76 -3.36
N MET B 319 -22.78 12.44 -4.22
CA MET B 319 -21.49 12.98 -3.80
C MET B 319 -21.65 14.11 -2.79
N THR B 320 -22.81 14.78 -2.79
CA THR B 320 -23.04 15.85 -1.83
C THR B 320 -23.07 15.32 -0.40
N GLU B 321 -23.85 14.28 -0.16
CA GLU B 321 -23.98 13.66 1.16
C GLU B 321 -23.14 12.40 1.31
N ASP B 322 -22.55 11.90 0.21
CA ASP B 322 -21.76 10.68 0.25
C ASP B 322 -22.61 9.48 0.65
N LEU B 323 -23.77 9.36 0.00
CA LEU B 323 -24.70 8.26 0.24
C LEU B 323 -24.92 7.49 -1.06
N LYS B 324 -24.72 6.19 -1.01
CA LYS B 324 -24.86 5.32 -2.17
C LYS B 324 -26.17 4.56 -2.08
N TYR B 325 -26.91 4.53 -3.20
CA TYR B 325 -28.17 3.81 -3.28
C TYR B 325 -28.13 2.95 -4.53
N GLY B 326 -28.51 1.68 -4.39
CA GLY B 326 -28.49 0.77 -5.52
C GLY B 326 -29.50 -0.35 -5.35
N LEU B 327 -29.71 -1.07 -6.45
CA LEU B 327 -30.65 -2.17 -6.46
C LEU B 327 -30.12 -3.32 -5.61
N PRO B 328 -31.01 -4.17 -5.08
CA PRO B 328 -30.54 -5.35 -4.34
C PRO B 328 -29.71 -6.25 -5.22
N GLN B 329 -28.69 -6.86 -4.62
CA GLN B 329 -27.73 -7.69 -5.34
C GLN B 329 -27.75 -9.10 -4.78
N LEU B 330 -27.55 -10.08 -5.66
CA LEU B 330 -27.51 -11.47 -5.24
C LEU B 330 -26.31 -11.73 -4.33
N SER B 331 -26.51 -12.62 -3.36
CA SER B 331 -25.43 -12.99 -2.47
C SER B 331 -24.33 -13.73 -3.22
N GLU B 332 -23.11 -13.64 -2.69
CA GLU B 332 -21.97 -14.26 -3.37
C GLU B 332 -22.20 -15.73 -3.64
N GLU B 333 -22.75 -16.46 -2.67
CA GLU B 333 -23.02 -17.88 -2.89
C GLU B 333 -24.05 -18.08 -3.99
N ALA B 334 -25.12 -17.25 -4.00
CA ALA B 334 -26.10 -17.35 -5.06
C ALA B 334 -25.50 -16.94 -6.40
N PHE B 335 -24.65 -15.92 -6.40
CA PHE B 335 -24.02 -15.47 -7.65
C PHE B 335 -23.15 -16.58 -8.24
N ASP B 336 -22.38 -17.27 -7.41
CA ASP B 336 -21.57 -18.39 -7.91
C ASP B 336 -22.44 -19.50 -8.47
N GLU B 337 -23.53 -19.83 -7.77
CA GLU B 337 -24.46 -20.84 -8.28
C GLU B 337 -25.13 -20.36 -9.56
N LEU B 338 -25.47 -19.08 -9.62
CA LEU B 338 -26.11 -18.52 -10.80
C LEU B 338 -25.24 -18.71 -12.04
N SER B 339 -25.90 -19.06 -13.15
CA SER B 339 -25.22 -19.29 -14.43
C SER B 339 -25.87 -18.54 -15.59
N ASP B 340 -26.91 -17.74 -15.34
CA ASP B 340 -27.59 -16.96 -16.35
C ASP B 340 -27.29 -15.49 -16.15
N LYS B 341 -27.14 -14.77 -17.25
CA LYS B 341 -26.71 -13.37 -17.17
C LYS B 341 -27.71 -12.55 -16.35
N ILE B 342 -27.18 -11.64 -15.54
CA ILE B 342 -28.02 -10.80 -14.71
C ILE B 342 -28.72 -9.77 -15.59
N VAL B 343 -29.98 -9.50 -15.28
CA VAL B 343 -30.78 -8.53 -16.00
C VAL B 343 -31.42 -7.59 -14.99
N LEU B 344 -31.33 -6.29 -15.25
CA LEU B 344 -31.93 -5.28 -14.39
C LEU B 344 -33.29 -4.89 -14.96
N GLU B 345 -34.33 -5.01 -14.15
CA GLU B 345 -35.67 -4.66 -14.60
C GLU B 345 -35.79 -3.14 -14.76
N SER B 346 -36.36 -2.72 -15.89
CA SER B 346 -36.56 -1.29 -16.12
C SER B 346 -37.44 -0.70 -15.02
N LYS B 347 -38.52 -1.40 -14.66
CA LYS B 347 -39.39 -0.92 -13.59
C LYS B 347 -38.60 -0.76 -12.29
N ALA B 348 -37.71 -1.70 -12.00
CA ALA B 348 -36.90 -1.60 -10.78
C ALA B 348 -36.01 -0.37 -10.81
N ILE B 349 -35.37 -0.10 -11.96
CA ILE B 349 -34.49 1.05 -12.06
C ILE B 349 -35.29 2.33 -11.86
N GLU B 350 -36.45 2.44 -12.52
CA GLU B 350 -37.27 3.64 -12.39
C GLU B 350 -37.76 3.81 -10.96
N SER B 351 -38.15 2.71 -10.31
CA SER B 351 -38.62 2.80 -8.93
C SER B 351 -37.50 3.26 -8.00
N LEU B 352 -36.29 2.73 -8.19
CA LEU B 352 -35.17 3.17 -7.37
C LEU B 352 -34.90 4.66 -7.58
N VAL B 353 -34.93 5.10 -8.83
CA VAL B 353 -34.68 6.51 -9.12
C VAL B 353 -35.74 7.38 -8.45
N LYS B 354 -37.01 6.99 -8.57
CA LYS B 354 -38.08 7.78 -7.96
C LYS B 354 -37.94 7.83 -6.45
N ASP B 355 -37.64 6.68 -5.83
CA ASP B 355 -37.49 6.66 -4.38
C ASP B 355 -36.33 7.54 -3.94
N PHE B 356 -35.21 7.48 -4.66
CA PHE B 356 -34.07 8.33 -4.30
C PHE B 356 -34.42 9.80 -4.44
N LEU B 357 -35.09 10.18 -5.53
CA LEU B 357 -35.45 11.57 -5.73
C LEU B 357 -36.40 12.05 -4.64
N LYS B 358 -37.38 11.23 -4.27
CA LYS B 358 -38.25 11.57 -3.16
C LYS B 358 -37.50 11.59 -1.85
N GLY B 359 -36.49 10.72 -1.71
CA GLY B 359 -35.71 10.63 -0.49
C GLY B 359 -36.06 9.45 0.40
N ASP B 360 -37.07 8.66 0.05
CA ASP B 360 -37.44 7.53 0.89
C ASP B 360 -36.44 6.38 0.74
N ALA B 361 -35.74 6.30 -0.38
CA ALA B 361 -34.79 5.22 -0.60
C ALA B 361 -33.73 5.22 0.49
N SER B 362 -33.36 4.03 0.94
CA SER B 362 -32.36 3.91 2.00
C SER B 362 -30.96 3.71 1.42
N PRO B 363 -29.94 4.33 2.00
CA PRO B 363 -28.59 4.20 1.46
C PRO B 363 -28.01 2.81 1.71
N ILE B 364 -26.95 2.52 0.97
CA ILE B 364 -26.18 1.29 1.15
C ILE B 364 -24.89 1.66 1.86
N VAL B 365 -24.68 1.08 3.04
CA VAL B 365 -23.47 1.32 3.82
C VAL B 365 -22.46 0.24 3.52
N LYS B 366 -21.21 0.64 3.31
CA LYS B 366 -20.15 -0.34 3.10
C LYS B 366 -20.14 -1.31 4.26
N SER B 367 -20.46 -2.58 4.00
CA SER B 367 -20.57 -3.56 5.06
C SER B 367 -20.45 -4.96 4.48
N GLN B 368 -19.92 -5.87 5.27
CA GLN B 368 -19.87 -7.27 4.91
C GLN B 368 -21.24 -7.90 5.12
N GLU B 369 -21.36 -9.17 4.75
CA GLU B 369 -22.60 -9.89 5.00
C GLU B 369 -22.87 -9.97 6.50
N ILE B 370 -24.14 -9.82 6.89
CA ILE B 370 -24.48 -9.83 8.30
C ILE B 370 -24.09 -11.17 8.90
N PHE B 371 -23.33 -11.13 9.99
CA PHE B 371 -22.84 -12.33 10.65
C PHE B 371 -23.99 -12.96 11.44
N GLU B 372 -24.87 -13.66 10.71
CA GLU B 372 -26.00 -14.32 11.35
C GLU B 372 -25.52 -15.38 12.33
N ASN B 373 -24.53 -16.17 11.95
CA ASN B 373 -23.98 -17.22 12.80
C ASN B 373 -22.85 -16.65 13.64
N GLN B 374 -23.06 -16.61 14.96
CA GLN B 374 -22.08 -16.07 15.90
C GLN B 374 -21.60 -17.21 16.79
N ASP B 375 -20.57 -17.94 16.33
CA ASP B 375 -20.03 -19.02 17.13
C ASP B 375 -19.32 -18.50 18.37
N SER B 376 -18.52 -17.45 18.22
CA SER B 376 -17.78 -16.88 19.33
C SER B 376 -18.64 -15.87 20.09
N SER B 377 -18.22 -15.57 21.32
CA SER B 377 -18.96 -14.61 22.13
C SER B 377 -18.90 -13.22 21.51
N VAL B 378 -17.74 -12.82 20.99
CA VAL B 378 -17.61 -11.51 20.36
C VAL B 378 -18.60 -11.42 19.21
N PHE B 379 -19.47 -10.41 19.25
CA PHE B 379 -20.54 -10.27 18.26
C PHE B 379 -19.99 -9.49 17.08
N GLN B 380 -19.66 -10.20 16.00
CA GLN B 380 -19.13 -9.55 14.82
C GLN B 380 -20.15 -8.55 14.27
N LEU B 381 -19.78 -7.28 14.28
CA LEU B 381 -20.64 -6.21 13.79
C LEU B 381 -20.30 -5.87 12.36
N VAL B 382 -21.32 -5.66 11.53
CA VAL B 382 -21.15 -5.17 10.18
C VAL B 382 -21.74 -3.77 10.10
N GLY B 383 -21.43 -3.07 9.01
CA GLY B 383 -21.86 -1.69 8.89
C GLY B 383 -23.37 -1.55 8.94
N LYS B 384 -24.10 -2.52 8.38
CA LYS B 384 -25.55 -2.43 8.34
C LYS B 384 -26.16 -2.39 9.75
N ASN B 385 -25.67 -3.24 10.65
CA ASN B 385 -26.26 -3.41 11.97
C ASN B 385 -25.50 -2.68 13.07
N HIS B 386 -24.42 -1.97 12.72
CA HIS B 386 -23.58 -1.35 13.75
C HIS B 386 -24.38 -0.36 14.58
N ASP B 387 -24.84 0.73 13.95
CA ASP B 387 -25.54 1.78 14.68
C ASP B 387 -26.72 1.23 15.45
N GLU B 388 -27.43 0.25 14.86
CA GLU B 388 -28.55 -0.36 15.56
C GLU B 388 -28.09 -1.04 16.84
N ILE B 389 -26.97 -1.77 16.78
CA ILE B 389 -26.52 -2.52 17.96
C ILE B 389 -26.00 -1.57 19.03
N VAL B 390 -25.17 -0.60 18.66
CA VAL B 390 -24.55 0.25 19.68
C VAL B 390 -25.60 1.15 20.32
N ASN B 391 -26.53 1.67 19.53
CA ASN B 391 -27.50 2.63 20.03
C ASN B 391 -28.51 2.00 20.99
N ASP B 392 -28.53 0.68 21.11
CA ASP B 392 -29.50 0.03 21.99
C ASP B 392 -29.30 0.49 23.42
N PRO B 393 -30.35 0.97 24.11
CA PRO B 393 -30.19 1.35 25.52
C PRO B 393 -30.33 0.18 26.48
N LYS B 394 -30.87 -0.95 26.03
CA LYS B 394 -31.07 -2.09 26.93
C LYS B 394 -29.74 -2.68 27.38
N LYS B 395 -28.71 -2.60 26.55
CA LYS B 395 -27.43 -3.24 26.82
C LYS B 395 -26.30 -2.23 26.66
N ASP B 396 -25.15 -2.56 27.23
CA ASP B 396 -23.94 -1.77 27.08
C ASP B 396 -23.02 -2.45 26.07
N VAL B 397 -22.64 -1.72 25.03
CA VAL B 397 -21.92 -2.27 23.90
C VAL B 397 -20.50 -1.72 23.90
N LEU B 398 -19.53 -2.63 23.76
CA LEU B 398 -18.11 -2.27 23.70
C LEU B 398 -17.59 -2.70 22.33
N VAL B 399 -17.62 -1.79 21.37
CA VAL B 399 -17.21 -2.09 20.01
C VAL B 399 -15.72 -1.83 19.86
N LEU B 400 -15.00 -2.81 19.32
CA LEU B 400 -13.60 -2.66 18.96
C LEU B 400 -13.52 -2.48 17.46
N TYR B 401 -12.87 -1.42 17.01
CA TYR B 401 -12.71 -1.12 15.59
C TYR B 401 -11.31 -1.53 15.16
N TYR B 402 -11.23 -2.49 14.25
CA TYR B 402 -9.98 -3.14 13.90
C TYR B 402 -9.85 -3.30 12.40
N ALA B 403 -8.61 -3.41 11.96
CA ALA B 403 -8.28 -3.77 10.59
C ALA B 403 -7.65 -5.15 10.57
N PRO B 404 -8.04 -6.03 9.65
CA PRO B 404 -7.51 -7.41 9.71
C PRO B 404 -6.00 -7.46 9.58
N TRP B 405 -5.39 -6.47 8.91
CA TRP B 405 -3.94 -6.48 8.71
C TRP B 405 -3.19 -5.95 9.91
N CYS B 406 -3.81 -5.11 10.73
CA CYS B 406 -3.10 -4.49 11.84
C CYS B 406 -2.78 -5.52 12.91
N GLY B 407 -1.52 -5.55 13.35
CA GLY B 407 -1.09 -6.55 14.31
C GLY B 407 -1.70 -6.36 15.69
N HIS B 408 -1.84 -5.12 16.13
CA HIS B 408 -2.27 -4.87 17.50
C HIS B 408 -3.68 -5.40 17.75
N CYS B 409 -4.56 -5.30 16.76
CA CYS B 409 -5.90 -5.86 16.91
C CYS B 409 -5.83 -7.38 17.06
N LYS B 410 -4.95 -8.03 16.30
CA LYS B 410 -4.75 -9.46 16.46
C LYS B 410 -4.26 -9.78 17.87
N ARG B 411 -3.35 -8.95 18.40
CA ARG B 411 -2.89 -9.14 19.76
C ARG B 411 -4.04 -9.02 20.75
N LEU B 412 -4.94 -8.08 20.50
CA LEU B 412 -6.06 -7.85 21.41
C LEU B 412 -7.11 -8.95 21.32
N ALA B 413 -7.23 -9.63 20.18
CA ALA B 413 -8.33 -10.57 19.97
C ALA B 413 -8.48 -11.59 21.09
N PRO B 414 -7.43 -12.25 21.57
CA PRO B 414 -7.64 -13.22 22.67
C PRO B 414 -8.23 -12.59 23.92
N THR B 415 -7.67 -11.48 24.39
CA THR B 415 -8.19 -10.82 25.58
C THR B 415 -9.63 -10.36 25.36
N TYR B 416 -9.93 -9.85 24.17
CA TYR B 416 -11.30 -9.45 23.86
C TYR B 416 -12.24 -10.64 23.95
N GLN B 417 -11.80 -11.80 23.45
CA GLN B 417 -12.63 -13.00 23.54
C GLN B 417 -12.86 -13.41 24.99
N GLU B 418 -11.81 -13.36 25.81
CA GLU B 418 -11.98 -13.73 27.22
C GLU B 418 -12.96 -12.78 27.90
N LEU B 419 -12.84 -11.49 27.63
CA LEU B 419 -13.74 -10.51 28.25
C LEU B 419 -15.18 -10.73 27.79
N ALA B 420 -15.38 -10.99 26.50
CA ALA B 420 -16.73 -11.24 25.99
C ALA B 420 -17.31 -12.50 26.60
N ASP B 421 -16.51 -13.55 26.73
CA ASP B 421 -16.99 -14.77 27.38
C ASP B 421 -17.36 -14.49 28.84
N THR B 422 -16.54 -13.72 29.53
CA THR B 422 -16.82 -13.42 30.93
C THR B 422 -18.15 -12.68 31.07
N TYR B 423 -18.40 -11.68 30.21
CA TYR B 423 -19.63 -10.92 30.35
C TYR B 423 -20.85 -11.69 29.86
N ALA B 424 -20.68 -12.55 28.85
CA ALA B 424 -21.83 -13.18 28.22
C ALA B 424 -22.61 -14.03 29.22
N ASN B 425 -21.91 -14.78 30.07
CA ASN B 425 -22.54 -15.62 31.07
C ASN B 425 -22.86 -14.87 32.36
N ALA B 426 -22.50 -13.60 32.46
CA ALA B 426 -22.64 -12.82 33.69
C ALA B 426 -23.55 -11.63 33.43
N THR B 427 -24.81 -11.75 33.85
CA THR B 427 -25.77 -10.65 33.89
C THR B 427 -26.30 -10.28 32.50
N SER B 428 -25.69 -10.83 31.44
CA SER B 428 -26.22 -10.69 30.09
C SER B 428 -26.60 -9.25 29.75
N ASP B 429 -25.98 -8.28 30.42
CA ASP B 429 -26.32 -6.87 30.24
C ASP B 429 -25.26 -6.08 29.48
N VAL B 430 -24.08 -6.64 29.28
CA VAL B 430 -22.98 -5.97 28.58
C VAL B 430 -22.68 -6.77 27.33
N LEU B 431 -22.91 -6.17 26.17
CA LEU B 431 -22.62 -6.78 24.89
C LEU B 431 -21.22 -6.40 24.45
N ILE B 432 -20.47 -7.38 23.96
CA ILE B 432 -19.10 -7.17 23.50
C ILE B 432 -19.05 -7.52 22.02
N ALA B 433 -18.56 -6.59 21.21
CA ALA B 433 -18.59 -6.73 19.76
C ALA B 433 -17.33 -6.11 19.17
N LYS B 434 -17.16 -6.32 17.87
CA LYS B 434 -16.08 -5.70 17.12
C LYS B 434 -16.52 -5.55 15.68
N LEU B 435 -15.96 -4.54 15.01
CA LEU B 435 -16.34 -4.21 13.63
C LEU B 435 -15.09 -4.01 12.80
N ASP B 436 -15.09 -4.59 11.60
CA ASP B 436 -13.95 -4.50 10.68
C ASP B 436 -14.04 -3.19 9.92
N HIS B 437 -13.23 -2.22 10.34
CA HIS B 437 -13.34 -0.88 9.78
C HIS B 437 -12.93 -0.86 8.30
N THR B 438 -11.93 -1.65 7.93
CA THR B 438 -11.49 -1.65 6.53
C THR B 438 -12.61 -2.09 5.61
N GLU B 439 -13.36 -3.12 6.01
CA GLU B 439 -14.47 -3.61 5.21
C GLU B 439 -15.81 -2.98 5.58
N ASN B 440 -15.87 -2.23 6.67
CA ASN B 440 -17.12 -1.59 7.12
C ASN B 440 -16.85 -0.12 7.38
N ASP B 441 -17.71 0.75 6.86
CA ASP B 441 -17.64 2.18 7.11
C ASP B 441 -18.73 2.56 8.11
N VAL B 442 -18.32 3.11 9.24
CA VAL B 442 -19.23 3.52 10.31
C VAL B 442 -19.28 5.04 10.31
N ARG B 443 -20.48 5.59 10.18
CA ARG B 443 -20.66 7.03 10.04
C ARG B 443 -21.03 7.62 11.40
N GLY B 444 -20.28 8.63 11.82
CA GLY B 444 -20.46 9.24 13.12
C GLY B 444 -19.48 8.80 14.18
N VAL B 445 -18.49 7.98 13.82
CA VAL B 445 -17.48 7.49 14.75
C VAL B 445 -16.12 7.91 14.23
N VAL B 446 -15.29 8.46 15.12
CA VAL B 446 -13.97 8.97 14.76
C VAL B 446 -12.96 7.87 15.07
N ILE B 447 -12.35 7.32 14.03
CA ILE B 447 -11.31 6.31 14.16
C ILE B 447 -10.04 6.89 13.56
N GLU B 448 -9.16 7.39 14.41
CA GLU B 448 -7.88 7.93 13.96
C GLU B 448 -6.79 6.87 13.89
N GLY B 449 -7.10 5.62 14.22
CA GLY B 449 -6.13 4.55 14.14
C GLY B 449 -6.78 3.25 14.55
N TYR B 450 -5.96 2.21 14.61
CA TYR B 450 -6.41 0.90 15.05
C TYR B 450 -5.47 0.37 16.12
N PRO B 451 -5.98 -0.31 17.15
CA PRO B 451 -7.39 -0.53 17.47
C PRO B 451 -8.01 0.67 18.16
N THR B 452 -9.32 0.84 18.05
CA THR B 452 -10.04 1.89 18.76
C THR B 452 -11.22 1.26 19.48
N ILE B 453 -11.17 1.26 20.81
CA ILE B 453 -12.18 0.62 21.64
C ILE B 453 -13.10 1.71 22.18
N VAL B 454 -14.37 1.64 21.80
CA VAL B 454 -15.36 2.65 22.15
C VAL B 454 -16.47 1.97 22.94
N LEU B 455 -16.74 2.47 24.14
CA LEU B 455 -17.82 1.96 24.97
C LEU B 455 -19.04 2.85 24.79
N TYR B 456 -20.18 2.24 24.49
CA TYR B 456 -21.43 2.97 24.34
C TYR B 456 -22.29 2.74 25.58
N PRO B 457 -22.27 3.65 26.56
CA PRO B 457 -23.00 3.39 27.80
C PRO B 457 -24.50 3.29 27.55
N GLY B 458 -25.16 2.51 28.39
CA GLY B 458 -26.60 2.33 28.29
C GLY B 458 -27.34 3.60 28.64
N GLY B 459 -28.66 3.54 28.47
CA GLY B 459 -29.52 4.66 28.72
C GLY B 459 -29.92 5.37 27.44
N LYS B 460 -31.01 6.14 27.53
CA LYS B 460 -31.54 6.80 26.34
C LYS B 460 -30.53 7.79 25.77
N LYS B 461 -29.87 8.56 26.64
CA LYS B 461 -28.88 9.55 26.21
C LYS B 461 -27.59 9.29 26.98
N SER B 462 -26.54 8.88 26.27
CA SER B 462 -25.27 8.56 26.90
C SER B 462 -24.18 8.71 25.83
N GLU B 463 -23.32 9.71 26.00
CA GLU B 463 -22.27 9.95 25.03
C GLU B 463 -21.28 8.78 25.01
N SER B 464 -20.85 8.40 23.82
CA SER B 464 -19.90 7.31 23.68
C SER B 464 -18.58 7.68 24.34
N VAL B 465 -17.94 6.69 24.95
CA VAL B 465 -16.67 6.87 25.66
C VAL B 465 -15.61 6.06 24.94
N VAL B 466 -14.45 6.68 24.71
CA VAL B 466 -13.33 6.05 24.03
C VAL B 466 -12.36 5.56 25.08
N TYR B 467 -11.81 4.36 24.86
CA TYR B 467 -10.88 3.76 25.80
C TYR B 467 -9.46 4.21 25.49
N GLN B 468 -8.77 4.73 26.51
CA GLN B 468 -7.40 5.21 26.37
C GLN B 468 -6.35 4.37 27.09
N GLY B 469 -6.74 3.60 28.10
CA GLY B 469 -5.77 2.88 28.89
C GLY B 469 -5.20 1.66 28.18
N SER B 470 -4.21 1.04 28.82
CA SER B 470 -3.65 -0.19 28.29
C SER B 470 -4.76 -1.24 28.18
N ARG B 471 -4.79 -1.93 27.04
CA ARG B 471 -5.90 -2.82 26.72
C ARG B 471 -5.68 -4.18 27.40
N SER B 472 -5.65 -4.13 28.73
CA SER B 472 -5.53 -5.31 29.57
C SER B 472 -6.91 -5.72 30.07
N LEU B 473 -7.03 -6.99 30.46
CA LEU B 473 -8.33 -7.52 30.86
C LEU B 473 -8.90 -6.76 32.05
N ASP B 474 -8.10 -6.59 33.10
CA ASP B 474 -8.57 -5.85 34.26
C ASP B 474 -8.86 -4.39 33.91
N SER B 475 -8.01 -3.79 33.08
CA SER B 475 -8.24 -2.42 32.67
C SER B 475 -9.54 -2.27 31.92
N LEU B 476 -9.83 -3.20 30.99
CA LEU B 476 -11.08 -3.15 30.25
C LEU B 476 -12.27 -3.35 31.18
N PHE B 477 -12.16 -4.29 32.12
CA PHE B 477 -13.26 -4.51 33.06
C PHE B 477 -13.54 -3.25 33.86
N ASP B 478 -12.50 -2.62 34.38
CA ASP B 478 -12.68 -1.40 35.16
C ASP B 478 -13.27 -0.29 34.30
N PHE B 479 -12.83 -0.19 33.05
CA PHE B 479 -13.38 0.81 32.15
C PHE B 479 -14.87 0.59 31.94
N ILE B 480 -15.28 -0.65 31.68
CA ILE B 480 -16.69 -0.93 31.47
C ILE B 480 -17.50 -0.61 32.73
N LYS B 481 -16.99 -1.00 33.89
CA LYS B 481 -17.71 -0.73 35.13
C LYS B 481 -17.87 0.76 35.37
N GLU B 482 -16.77 1.51 35.25
CA GLU B 482 -16.81 2.93 35.58
C GLU B 482 -17.66 3.71 34.59
N ASN B 483 -17.47 3.47 33.29
CA ASN B 483 -18.16 4.23 32.26
C ASN B 483 -19.42 3.53 31.75
N GLY B 484 -19.78 2.38 32.32
CA GLY B 484 -20.98 1.69 31.92
C GLY B 484 -22.20 2.20 32.67
N HIS B 485 -23.32 2.31 31.95
CA HIS B 485 -24.56 2.77 32.57
C HIS B 485 -25.02 1.80 33.65
N PHE B 486 -24.99 0.51 33.36
CA PHE B 486 -25.48 -0.50 34.29
C PHE B 486 -24.47 -0.84 35.38
N ASP B 487 -23.23 -0.36 35.25
CA ASP B 487 -22.21 -0.53 36.28
C ASP B 487 -22.05 -2.01 36.66
N VAL B 488 -21.87 -2.83 35.63
CA VAL B 488 -21.61 -4.25 35.82
C VAL B 488 -20.14 -4.43 36.15
N ASP B 489 -19.85 -5.05 37.30
CA ASP B 489 -18.47 -5.28 37.73
C ASP B 489 -17.99 -6.57 37.09
N GLY B 490 -17.28 -6.43 35.96
CA GLY B 490 -16.78 -7.60 35.26
C GLY B 490 -15.71 -8.34 36.03
N LYS B 491 -14.83 -7.61 36.71
CA LYS B 491 -13.66 -8.23 37.32
C LYS B 491 -14.06 -9.27 38.37
N ALA B 492 -15.01 -8.92 39.23
CA ALA B 492 -15.49 -9.90 40.21
C ALA B 492 -16.13 -11.09 39.52
N LEU B 493 -16.91 -10.84 38.46
CA LEU B 493 -17.49 -11.93 37.70
C LEU B 493 -16.39 -12.82 37.11
N TYR B 494 -15.31 -12.20 36.64
CA TYR B 494 -14.16 -12.97 36.16
C TYR B 494 -13.57 -13.82 37.28
N GLU B 495 -13.44 -13.23 38.48
CA GLU B 495 -12.91 -13.99 39.61
C GLU B 495 -13.87 -15.09 40.03
N GLU B 496 -15.17 -14.80 40.03
CA GLU B 496 -16.15 -15.82 40.41
C GLU B 496 -16.11 -17.00 39.45
N ALA B 497 -15.87 -16.73 38.17
CA ALA B 497 -15.65 -17.82 37.22
C ALA B 497 -14.28 -18.46 37.41
N GLN B 498 -13.30 -17.67 37.85
CA GLN B 498 -11.94 -18.19 38.03
C GLN B 498 -11.91 -19.25 39.12
N GLU B 499 -12.62 -19.01 40.23
CA GLU B 499 -12.58 -19.95 41.36
C GLU B 499 -13.09 -21.32 40.94
N LYS B 500 -14.12 -21.36 40.10
CA LYS B 500 -14.65 -22.63 39.63
C LYS B 500 -13.66 -23.27 38.66
#